data_4YAM
#
_entry.id   4YAM
#
_cell.length_a   122.556
_cell.length_b   97.155
_cell.length_c   131.387
_cell.angle_alpha   90.00
_cell.angle_beta   106.65
_cell.angle_gamma   90.00
#
_symmetry.space_group_name_H-M   'C 1 2 1'
#
loop_
_entity.id
_entity.type
_entity.pdbx_description
1 polymer Beta-etherase
2 water water
#
_entity_poly.entity_id   1
_entity_poly.type   'polypeptide(L)'
_entity_poly.pdbx_seq_one_letter_code
;(MSE)ARNNTITLYDLQLESGCTISPYVWRTKYALKHKGFDIDIVPGGFTGILERTGGRSERVPVIVDDGEWVLDSWVIA
EYLDEKYPDRP(MSE)LFEGPTQKNL(MSE)KFLDNWLWSTAVGPWFRCYILDYHDLSLPQDRDYVRWSREQWFLGGQRL
EDVQAGREDRLPLVPPTLEPFRRILAETKWLGGDQPNFADYSALAVFLWTASVARTPPLTEDDPLRDWLDRGFDLFDGLG
RHPG(MSE)NPLFGLKLREGDPEPFVRQTGPAGAGGQALNKGPQTTKMPPRVAEKAD
;
_entity_poly.pdbx_strand_id   A,B,C,D
#
# COMPACT_ATOMS: atom_id res chain seq x y z
N ARG A 3 -35.63 -18.45 -3.95
CA ARG A 3 -34.45 -18.75 -4.77
C ARG A 3 -33.22 -18.91 -3.91
N ASN A 4 -33.42 -18.93 -2.59
CA ASN A 4 -32.35 -18.98 -1.61
C ASN A 4 -31.44 -17.76 -1.74
N ASN A 5 -30.25 -17.98 -2.29
CA ASN A 5 -29.25 -16.93 -2.47
C ASN A 5 -28.51 -17.24 -3.77
N THR A 6 -29.25 -17.72 -4.76
CA THR A 6 -28.65 -18.35 -5.93
C THR A 6 -29.01 -17.69 -7.25
N ILE A 7 -28.00 -17.44 -8.08
CA ILE A 7 -28.19 -16.97 -9.44
C ILE A 7 -27.50 -17.92 -10.42
N THR A 8 -28.18 -18.21 -11.52
CA THR A 8 -27.66 -19.13 -12.54
C THR A 8 -26.74 -18.38 -13.48
N LEU A 9 -25.59 -18.98 -13.76
CA LEU A 9 -24.61 -18.39 -14.67
C LEU A 9 -24.23 -19.35 -15.78
N TYR A 10 -24.42 -18.93 -17.03
CA TYR A 10 -23.95 -19.71 -18.18
C TYR A 10 -22.48 -19.38 -18.41
N ASP A 11 -21.65 -20.39 -18.16
CA ASP A 11 -20.19 -20.25 -18.18
C ASP A 11 -19.63 -20.45 -19.58
N LEU A 12 -18.35 -20.15 -19.74
CA LEU A 12 -17.62 -20.46 -20.96
C LEU A 12 -16.29 -21.11 -20.54
N GLN A 13 -16.25 -22.43 -20.64
CA GLN A 13 -15.18 -23.21 -20.04
C GLN A 13 -14.26 -23.87 -21.07
N LEU A 14 -13.03 -24.12 -20.62
CA LEU A 14 -12.08 -24.95 -21.36
C LEU A 14 -12.29 -26.40 -20.94
N GLU A 15 -11.50 -27.31 -21.53
CA GLU A 15 -11.62 -28.73 -21.24
C GLU A 15 -11.44 -29.03 -19.75
N SER A 16 -10.63 -28.21 -19.07
CA SER A 16 -10.34 -28.42 -17.65
C SER A 16 -11.50 -27.98 -16.74
N GLY A 17 -12.48 -27.31 -17.32
CA GLY A 17 -13.59 -26.76 -16.56
C GLY A 17 -13.32 -25.31 -16.20
N CYS A 18 -12.11 -24.88 -16.51
CA CYS A 18 -11.68 -23.53 -16.24
C CYS A 18 -12.33 -22.49 -17.17
N THR A 19 -12.83 -21.39 -16.59
CA THR A 19 -13.38 -20.29 -17.38
C THR A 19 -12.28 -19.62 -18.21
N ILE A 20 -12.57 -19.38 -19.49
CA ILE A 20 -11.63 -18.66 -20.36
C ILE A 20 -12.07 -17.22 -20.57
N SER A 21 -13.35 -17.00 -20.86
CA SER A 21 -13.84 -15.68 -21.20
C SER A 21 -13.63 -14.65 -20.08
N PRO A 22 -12.98 -13.51 -20.39
CA PRO A 22 -12.82 -12.47 -19.37
C PRO A 22 -14.16 -11.83 -18.98
N TYR A 23 -15.13 -11.86 -19.90
CA TYR A 23 -16.46 -11.33 -19.62
C TYR A 23 -17.16 -12.20 -18.58
N VAL A 24 -16.98 -13.52 -18.71
CA VAL A 24 -17.51 -14.46 -17.74
C VAL A 24 -16.78 -14.33 -16.41
N TRP A 25 -15.46 -14.16 -16.47
CA TRP A 25 -14.66 -14.01 -15.26
C TRP A 25 -15.15 -12.84 -14.40
N ARG A 26 -15.33 -11.67 -15.00
CA ARG A 26 -15.69 -10.51 -14.21
C ARG A 26 -17.13 -10.63 -13.70
N THR A 27 -17.93 -11.44 -14.38
CA THR A 27 -19.29 -11.73 -13.90
C THR A 27 -19.26 -12.66 -12.69
N LYS A 28 -18.40 -13.67 -12.72
CA LYS A 28 -18.26 -14.56 -11.55
C LYS A 28 -17.86 -13.74 -10.32
N TYR A 29 -16.88 -12.86 -10.49
CA TYR A 29 -16.44 -12.01 -9.37
C TYR A 29 -17.53 -11.04 -8.92
N ALA A 30 -18.29 -10.49 -9.87
CA ALA A 30 -19.35 -9.56 -9.54
C ALA A 30 -20.40 -10.25 -8.67
N LEU A 31 -20.77 -11.47 -9.06
CA LEU A 31 -21.76 -12.24 -8.31
C LEU A 31 -21.28 -12.56 -6.88
N LYS A 32 -20.05 -13.01 -6.75
CA LYS A 32 -19.49 -13.32 -5.44
C LYS A 32 -19.33 -12.07 -4.59
N HIS A 33 -19.03 -10.95 -5.24
CA HIS A 33 -18.90 -9.65 -4.58
C HIS A 33 -20.21 -9.28 -3.90
N LYS A 34 -21.31 -9.64 -4.56
CA LYS A 34 -22.66 -9.38 -4.07
C LYS A 34 -23.11 -10.42 -3.05
N GLY A 35 -22.31 -11.47 -2.87
CA GLY A 35 -22.58 -12.49 -1.87
C GLY A 35 -23.51 -13.61 -2.32
N PHE A 36 -23.66 -13.75 -3.63
CA PHE A 36 -24.52 -14.78 -4.21
C PHE A 36 -23.82 -16.11 -4.36
N ASP A 37 -24.59 -17.19 -4.27
CA ASP A 37 -24.13 -18.51 -4.67
C ASP A 37 -24.43 -18.68 -6.17
N ILE A 38 -23.50 -19.30 -6.89
CA ILE A 38 -23.59 -19.38 -8.34
C ILE A 38 -23.92 -20.79 -8.81
N ASP A 39 -25.04 -20.91 -9.49
CA ASP A 39 -25.42 -22.16 -10.16
C ASP A 39 -24.81 -22.14 -11.56
N ILE A 40 -23.68 -22.81 -11.73
CA ILE A 40 -22.97 -22.77 -13.00
C ILE A 40 -23.52 -23.76 -14.03
N VAL A 41 -23.83 -23.24 -15.21
CA VAL A 41 -24.19 -24.07 -16.35
C VAL A 41 -22.96 -24.23 -17.23
N PRO A 42 -22.41 -25.45 -17.33
CA PRO A 42 -21.17 -25.61 -18.07
C PRO A 42 -21.36 -25.62 -19.58
N GLY A 43 -20.25 -25.54 -20.31
CA GLY A 43 -20.28 -25.52 -21.76
C GLY A 43 -19.18 -24.63 -22.29
N GLY A 44 -18.90 -24.74 -23.59
CA GLY A 44 -17.83 -23.98 -24.21
C GLY A 44 -18.32 -23.07 -25.33
N PHE A 45 -17.51 -22.94 -26.36
CA PHE A 45 -17.79 -21.99 -27.44
C PHE A 45 -18.96 -22.42 -28.33
N THR A 46 -19.09 -23.72 -28.57
CA THR A 46 -20.15 -24.23 -29.43
C THR A 46 -21.42 -24.53 -28.63
N GLY A 47 -22.56 -24.42 -29.29
CA GLY A 47 -23.84 -24.82 -28.72
C GLY A 47 -24.46 -23.86 -27.73
N ILE A 48 -24.07 -22.58 -27.77
CA ILE A 48 -24.57 -21.61 -26.81
C ILE A 48 -26.06 -21.34 -27.03
N LEU A 49 -26.49 -21.27 -28.29
CA LEU A 49 -27.90 -21.06 -28.60
C LEU A 49 -28.72 -22.24 -28.08
N GLU A 50 -28.19 -23.44 -28.24
CA GLU A 50 -28.81 -24.65 -27.71
C GLU A 50 -28.93 -24.61 -26.18
N ARG A 51 -27.80 -24.32 -25.52
CA ARG A 51 -27.74 -24.31 -24.06
C ARG A 51 -28.70 -23.29 -23.48
N THR A 52 -28.74 -22.11 -24.06
CA THR A 52 -29.68 -21.08 -23.64
C THR A 52 -31.01 -21.40 -24.32
N GLY A 53 -32.04 -20.62 -24.04
CA GLY A 53 -33.36 -20.93 -24.56
C GLY A 53 -33.53 -20.61 -26.03
N GLY A 54 -32.41 -20.43 -26.73
CA GLY A 54 -32.42 -19.74 -28.01
C GLY A 54 -32.39 -18.26 -27.71
N ARG A 55 -32.01 -17.93 -26.47
CA ARG A 55 -32.08 -16.57 -25.95
C ARG A 55 -30.83 -15.78 -26.25
N SER A 56 -29.69 -16.46 -26.32
CA SER A 56 -28.41 -15.79 -26.55
C SER A 56 -27.45 -16.61 -27.39
N GLU A 57 -26.67 -15.93 -28.23
CA GLU A 57 -25.58 -16.55 -28.96
C GLU A 57 -24.27 -16.35 -28.22
N ARG A 58 -24.32 -15.55 -27.15
CA ARG A 58 -23.13 -15.21 -26.36
C ARG A 58 -23.33 -15.46 -24.86
N VAL A 59 -22.21 -15.64 -24.17
CA VAL A 59 -22.20 -15.71 -22.71
C VAL A 59 -21.16 -14.69 -22.23
N PRO A 60 -21.24 -14.24 -20.97
CA PRO A 60 -22.14 -14.67 -19.89
C PRO A 60 -23.60 -14.26 -20.06
N VAL A 61 -24.47 -15.15 -19.57
CA VAL A 61 -25.87 -14.86 -19.37
C VAL A 61 -26.17 -15.30 -17.94
N ILE A 62 -26.94 -14.52 -17.20
CA ILE A 62 -27.46 -14.99 -15.92
C ILE A 62 -28.97 -15.07 -15.93
N VAL A 63 -29.50 -15.91 -15.03
CA VAL A 63 -30.92 -16.04 -14.81
C VAL A 63 -31.16 -15.85 -13.33
N ASP A 64 -31.84 -14.75 -12.99
CA ASP A 64 -32.11 -14.39 -11.62
C ASP A 64 -33.59 -14.64 -11.41
N ASP A 65 -33.90 -15.76 -10.76
CA ASP A 65 -35.25 -16.30 -10.73
C ASP A 65 -35.73 -16.52 -12.15
N GLY A 66 -36.56 -15.62 -12.68
CA GLY A 66 -37.03 -15.74 -14.05
C GLY A 66 -36.40 -14.74 -15.01
N GLU A 67 -35.62 -13.81 -14.46
CA GLU A 67 -35.02 -12.71 -15.23
C GLU A 67 -33.73 -13.12 -15.93
N TRP A 68 -33.74 -13.12 -17.27
CA TRP A 68 -32.53 -13.36 -18.06
C TRP A 68 -31.77 -12.05 -18.27
N VAL A 69 -30.46 -12.04 -18.01
CA VAL A 69 -29.66 -10.83 -18.16
C VAL A 69 -28.42 -11.09 -19.01
N LEU A 70 -28.28 -10.33 -20.09
CA LEU A 70 -27.24 -10.53 -21.09
C LEU A 70 -26.21 -9.40 -21.06
N ASP A 71 -24.95 -9.77 -21.31
CA ASP A 71 -23.79 -8.86 -21.37
C ASP A 71 -23.24 -8.55 -19.98
N SER A 72 -21.94 -8.78 -19.79
CA SER A 72 -21.32 -8.69 -18.47
C SER A 72 -21.42 -7.29 -17.86
N TRP A 73 -21.31 -6.26 -18.69
CA TRP A 73 -21.43 -4.89 -18.19
C TRP A 73 -22.86 -4.61 -17.71
N VAL A 74 -23.84 -5.11 -18.45
CA VAL A 74 -25.24 -4.91 -18.10
C VAL A 74 -25.58 -5.67 -16.83
N ILE A 75 -25.03 -6.87 -16.71
CA ILE A 75 -25.27 -7.72 -15.55
C ILE A 75 -24.78 -7.02 -14.29
N ALA A 76 -23.59 -6.43 -14.34
CA ALA A 76 -23.04 -5.68 -13.22
C ALA A 76 -23.95 -4.53 -12.82
N GLU A 77 -24.45 -3.79 -13.81
CA GLU A 77 -25.37 -2.69 -13.54
C GLU A 77 -26.70 -3.20 -12.98
N TYR A 78 -27.17 -4.31 -13.52
CA TYR A 78 -28.41 -4.94 -13.05
C TYR A 78 -28.31 -5.34 -11.57
N LEU A 79 -27.16 -5.90 -11.19
CA LEU A 79 -26.95 -6.33 -9.80
C LEU A 79 -26.97 -5.14 -8.84
N ASP A 80 -26.33 -4.04 -9.25
CA ASP A 80 -26.32 -2.83 -8.43
C ASP A 80 -27.71 -2.22 -8.34
N GLU A 81 -28.47 -2.28 -9.43
CA GLU A 81 -29.83 -1.75 -9.41
C GLU A 81 -30.77 -2.62 -8.57
N LYS A 82 -30.70 -3.93 -8.74
CA LYS A 82 -31.66 -4.81 -8.07
C LYS A 82 -31.26 -5.14 -6.63
N TYR A 83 -29.99 -4.96 -6.30
CA TYR A 83 -29.48 -5.32 -4.98
C TYR A 83 -28.62 -4.20 -4.38
N PRO A 84 -29.25 -3.07 -4.05
CA PRO A 84 -28.55 -1.96 -3.40
C PRO A 84 -28.30 -2.19 -1.92
N ASP A 85 -28.66 -3.37 -1.42
CA ASP A 85 -28.39 -3.75 -0.03
C ASP A 85 -27.10 -4.57 0.08
N ARG A 86 -26.62 -5.05 -1.06
CA ARG A 86 -25.42 -5.87 -1.12
C ARG A 86 -24.30 -5.01 -1.72
N PRO A 87 -23.03 -5.36 -1.42
CA PRO A 87 -21.89 -4.48 -1.74
C PRO A 87 -21.91 -3.95 -3.18
N MSE A 88 -21.66 -2.66 -3.35
CA MSE A 88 -21.80 -2.02 -4.66
C MSE A 88 -20.64 -2.35 -5.59
O MSE A 88 -19.49 -2.44 -5.16
CB MSE A 88 -21.88 -0.48 -4.54
CG MSE A 88 -23.15 0.08 -3.93
SE MSE A 88 -24.83 -0.78 -4.47
CE MSE A 88 -25.20 -1.34 -2.65
H MSE A 88 -21.41 -2.12 -2.73
HA MSE A 88 -22.62 -2.32 -5.07
HB2 MSE A 88 -21.14 -0.18 -4.00
HB3 MSE A 88 -21.80 -0.10 -5.43
HG2 MSE A 88 -23.08 -0.01 -2.97
HG3 MSE A 88 -23.22 1.01 -4.18
HE1 MSE A 88 -26.04 -1.82 -2.63
HE2 MSE A 88 -24.48 -1.92 -2.34
HE3 MSE A 88 -25.26 -0.55 -2.09
N LEU A 89 -20.96 -2.52 -6.86
CA LEU A 89 -19.97 -2.80 -7.89
C LEU A 89 -19.39 -1.50 -8.45
N PHE A 90 -20.26 -0.53 -8.66
CA PHE A 90 -19.88 0.81 -9.13
C PHE A 90 -20.15 1.84 -8.05
N GLU A 91 -19.26 2.80 -7.89
CA GLU A 91 -19.50 3.89 -6.94
C GLU A 91 -20.18 5.08 -7.63
N GLY A 92 -20.18 5.10 -8.96
CA GLY A 92 -20.91 6.12 -9.69
C GLY A 92 -20.57 6.21 -11.17
N PRO A 93 -21.06 7.26 -11.84
CA PRO A 93 -20.82 7.47 -13.28
C PRO A 93 -19.35 7.68 -13.62
N THR A 94 -18.63 8.34 -12.72
CA THR A 94 -17.22 8.65 -12.96
C THR A 94 -16.38 7.38 -13.03
N GLN A 95 -16.66 6.43 -12.14
CA GLN A 95 -15.99 5.15 -12.19
C GLN A 95 -16.23 4.49 -13.54
N LYS A 96 -17.48 4.49 -13.98
CA LYS A 96 -17.84 3.83 -15.23
C LYS A 96 -17.06 4.38 -16.41
N ASN A 97 -16.95 5.70 -16.48
CA ASN A 97 -16.24 6.34 -17.59
C ASN A 97 -14.75 6.06 -17.56
N LEU A 98 -14.16 6.10 -16.36
CA LEU A 98 -12.72 5.93 -16.24
C LEU A 98 -12.31 4.46 -16.29
N MSE A 99 -13.20 3.52 -15.95
CA MSE A 99 -12.79 2.12 -16.04
C MSE A 99 -12.88 1.66 -17.50
O MSE A 99 -12.13 0.79 -17.93
CB MSE A 99 -13.60 1.22 -15.09
CG MSE A 99 -15.09 1.08 -15.26
SE MSE A 99 -15.77 -0.07 -13.81
CE MSE A 99 -15.17 -1.74 -14.56
H MSE A 99 -14.00 3.67 -15.67
HA MSE A 99 -11.87 2.07 -15.77
HB2 MSE A 99 -13.23 0.31 -15.17
HB3 MSE A 99 -13.45 1.52 -14.19
HG2 MSE A 99 -15.51 1.96 -15.19
HG3 MSE A 99 -15.30 0.67 -16.11
HE1 MSE A 99 -15.41 -2.47 -13.98
HE2 MSE A 99 -15.59 -1.86 -15.43
HE3 MSE A 99 -14.20 -1.71 -14.67
N LYS A 100 -13.75 2.28 -18.28
CA LYS A 100 -13.78 2.01 -19.70
C LYS A 100 -12.44 2.42 -20.32
N PHE A 101 -11.89 3.54 -19.86
CA PHE A 101 -10.60 4.00 -20.36
C PHE A 101 -9.47 3.04 -19.98
N LEU A 102 -9.44 2.60 -18.73
CA LEU A 102 -8.45 1.63 -18.29
C LEU A 102 -8.62 0.30 -19.02
N ASP A 103 -9.85 -0.20 -19.08
CA ASP A 103 -10.14 -1.46 -19.73
C ASP A 103 -9.71 -1.41 -21.21
N ASN A 104 -10.04 -0.32 -21.90
CA ASN A 104 -9.65 -0.18 -23.30
C ASN A 104 -8.13 -0.28 -23.45
N TRP A 105 -7.42 0.39 -22.54
CA TRP A 105 -5.96 0.38 -22.55
C TRP A 105 -5.39 -1.01 -22.29
N LEU A 106 -5.97 -1.73 -21.33
CA LEU A 106 -5.53 -3.09 -21.02
C LEU A 106 -5.78 -4.03 -22.21
N TRP A 107 -6.89 -3.87 -22.89
CA TRP A 107 -7.20 -4.73 -24.03
C TRP A 107 -6.24 -4.44 -25.20
N SER A 108 -5.89 -3.17 -25.39
CA SER A 108 -4.96 -2.81 -26.45
C SER A 108 -3.53 -3.25 -26.13
N THR A 109 -3.14 -3.09 -24.87
CA THR A 109 -1.76 -3.28 -24.45
C THR A 109 -1.42 -4.73 -24.09
N ALA A 110 -2.35 -5.41 -23.42
CA ALA A 110 -2.07 -6.76 -22.91
C ALA A 110 -2.78 -7.85 -23.71
N VAL A 111 -4.09 -7.73 -23.89
CA VAL A 111 -4.86 -8.80 -24.53
C VAL A 111 -4.47 -9.00 -25.98
N GLY A 112 -4.28 -7.91 -26.72
CA GLY A 112 -3.91 -7.99 -28.12
C GLY A 112 -2.65 -8.79 -28.35
N PRO A 113 -1.54 -8.39 -27.71
CA PRO A 113 -0.28 -9.11 -27.87
C PRO A 113 -0.32 -10.53 -27.31
N TRP A 114 -0.94 -10.71 -26.15
CA TRP A 114 -1.00 -12.04 -25.54
C TRP A 114 -1.95 -12.97 -26.31
N PHE A 115 -2.98 -12.40 -26.94
CA PHE A 115 -3.85 -13.19 -27.79
C PHE A 115 -3.03 -13.90 -28.88
N ARG A 116 -2.17 -13.15 -29.55
CA ARG A 116 -1.35 -13.72 -30.61
C ARG A 116 -0.35 -14.73 -30.04
N CYS A 117 0.09 -14.52 -28.81
CA CYS A 117 1.09 -15.39 -28.19
C CYS A 117 0.52 -16.71 -27.67
N TYR A 118 -0.80 -16.79 -27.48
CA TYR A 118 -1.40 -17.95 -26.83
C TYR A 118 -2.60 -18.53 -27.59
N ILE A 119 -2.77 -18.13 -28.84
CA ILE A 119 -3.98 -18.52 -29.56
C ILE A 119 -3.98 -20.02 -29.90
N LEU A 120 -2.81 -20.62 -30.13
CA LEU A 120 -2.75 -22.06 -30.33
C LEU A 120 -3.01 -22.81 -29.01
N ASP A 121 -2.42 -22.33 -27.91
CA ASP A 121 -2.69 -22.91 -26.60
C ASP A 121 -4.17 -22.83 -26.27
N TYR A 122 -4.74 -21.66 -26.52
CA TYR A 122 -6.18 -21.38 -26.45
C TYR A 122 -6.97 -22.48 -27.15
N HIS A 123 -6.64 -22.73 -28.41
CA HIS A 123 -7.26 -23.78 -29.20
C HIS A 123 -7.07 -25.17 -28.59
N ASP A 124 -5.83 -25.50 -28.21
CA ASP A 124 -5.53 -26.83 -27.71
C ASP A 124 -6.20 -27.13 -26.36
N LEU A 125 -6.46 -26.10 -25.57
CA LEU A 125 -7.01 -26.28 -24.23
C LEU A 125 -8.53 -26.26 -24.22
N SER A 126 -9.15 -25.84 -25.32
CA SER A 126 -10.60 -25.79 -25.39
C SER A 126 -11.18 -27.21 -25.45
N LEU A 127 -12.47 -27.32 -25.12
CA LEU A 127 -13.19 -28.58 -25.18
C LEU A 127 -13.02 -29.22 -26.56
N PRO A 128 -12.95 -30.56 -26.62
CA PRO A 128 -12.79 -31.26 -27.90
C PRO A 128 -13.79 -30.81 -28.96
N GLN A 129 -15.05 -30.66 -28.57
CA GLN A 129 -16.10 -30.32 -29.51
C GLN A 129 -16.02 -28.86 -29.98
N ASP A 130 -15.18 -28.07 -29.34
CA ASP A 130 -15.00 -26.66 -29.70
C ASP A 130 -13.79 -26.43 -30.62
N ARG A 131 -12.87 -27.39 -30.67
CA ARG A 131 -11.54 -27.15 -31.23
C ARG A 131 -11.57 -26.68 -32.68
N ASP A 132 -12.26 -27.43 -33.54
CA ASP A 132 -12.33 -27.06 -34.95
C ASP A 132 -13.01 -25.70 -35.13
N TYR A 133 -14.07 -25.46 -34.37
CA TYR A 133 -14.79 -24.19 -34.45
C TYR A 133 -13.92 -23.00 -34.05
N VAL A 134 -13.16 -23.14 -32.97
CA VAL A 134 -12.26 -22.07 -32.53
C VAL A 134 -11.21 -21.82 -33.60
N ARG A 135 -10.70 -22.90 -34.18
CA ARG A 135 -9.74 -22.83 -35.26
C ARG A 135 -10.29 -22.00 -36.42
N TRP A 136 -11.39 -22.46 -37.00
CA TRP A 136 -11.97 -21.82 -38.18
C TRP A 136 -12.40 -20.38 -37.88
N SER A 137 -13.06 -20.21 -36.73
CA SER A 137 -13.50 -18.89 -36.28
C SER A 137 -12.35 -17.88 -36.21
N ARG A 138 -11.34 -18.20 -35.41
CA ARG A 138 -10.23 -17.27 -35.18
C ARG A 138 -9.38 -17.03 -36.44
N GLU A 139 -9.24 -18.06 -37.27
CA GLU A 139 -8.39 -17.95 -38.45
C GLU A 139 -9.04 -17.15 -39.60
N GLN A 140 -10.25 -16.64 -39.36
CA GLN A 140 -10.96 -15.83 -40.37
C GLN A 140 -11.37 -14.45 -39.86
N TRP A 141 -11.39 -14.27 -38.54
CA TRP A 141 -12.02 -13.10 -37.92
C TRP A 141 -11.09 -12.05 -37.35
N PHE A 142 -10.05 -12.50 -36.66
CA PHE A 142 -9.24 -11.61 -35.85
C PHE A 142 -7.84 -11.48 -36.44
N LEU A 143 -7.57 -12.29 -37.47
CA LEU A 143 -6.55 -12.02 -38.47
C LEU A 143 -5.27 -11.37 -37.93
N GLY A 144 -4.26 -12.14 -37.48
CA GLY A 144 -4.13 -13.60 -37.48
C GLY A 144 -5.29 -14.57 -37.68
N GLY A 145 -5.59 -14.97 -38.92
CA GLY A 145 -4.95 -14.46 -40.14
C GLY A 145 -4.35 -15.57 -40.96
N GLN A 146 -3.17 -16.02 -40.54
CA GLN A 146 -2.52 -17.15 -41.14
C GLN A 146 -3.21 -18.41 -40.60
N ARG A 147 -2.46 -19.33 -40.02
CA ARG A 147 -3.02 -20.39 -39.21
C ARG A 147 -2.65 -20.09 -37.76
N LEU A 148 -3.30 -20.77 -36.81
CA LEU A 148 -3.01 -20.56 -35.39
C LEU A 148 -1.52 -20.79 -35.11
N GLU A 149 -0.97 -21.81 -35.76
CA GLU A 149 0.44 -22.15 -35.59
C GLU A 149 1.36 -21.00 -35.97
N ASP A 150 1.03 -20.30 -37.05
CA ASP A 150 1.88 -19.23 -37.56
C ASP A 150 1.81 -17.99 -36.67
N VAL A 151 0.62 -17.70 -36.16
CA VAL A 151 0.42 -16.55 -35.31
C VAL A 151 1.19 -16.70 -33.99
N GLN A 152 1.10 -17.88 -33.38
CA GLN A 152 1.75 -18.12 -32.09
C GLN A 152 3.25 -18.31 -32.22
N ALA A 153 3.72 -18.76 -33.39
CA ALA A 153 5.14 -18.93 -33.62
C ALA A 153 5.89 -17.62 -33.33
N GLY A 154 7.06 -17.73 -32.70
CA GLY A 154 7.87 -16.58 -32.40
C GLY A 154 7.47 -15.81 -31.15
N ARG A 155 6.54 -16.37 -30.38
CA ARG A 155 6.08 -15.69 -29.17
C ARG A 155 7.20 -15.52 -28.15
N GLU A 156 8.21 -16.37 -28.22
CA GLU A 156 9.32 -16.30 -27.27
C GLU A 156 10.08 -14.98 -27.45
N ASP A 157 9.94 -14.38 -28.61
CA ASP A 157 10.54 -13.09 -28.91
C ASP A 157 9.60 -11.92 -28.62
N ARG A 158 8.31 -12.19 -28.52
CA ARG A 158 7.31 -11.14 -28.33
C ARG A 158 6.94 -10.96 -26.85
N LEU A 159 6.87 -12.06 -26.11
CA LEU A 159 6.43 -12.02 -24.72
C LEU A 159 7.31 -11.12 -23.84
N PRO A 160 8.63 -11.14 -24.04
CA PRO A 160 9.49 -10.25 -23.24
C PRO A 160 9.24 -8.77 -23.53
N LEU A 161 8.55 -8.47 -24.63
CA LEU A 161 8.29 -7.08 -25.00
C LEU A 161 7.07 -6.49 -24.28
N VAL A 162 6.26 -7.34 -23.67
CA VAL A 162 5.00 -6.87 -23.07
C VAL A 162 5.17 -6.29 -21.66
N PRO A 163 5.95 -6.94 -20.79
CA PRO A 163 6.05 -6.42 -19.42
C PRO A 163 6.41 -4.93 -19.29
N PRO A 164 7.38 -4.44 -20.07
CA PRO A 164 7.72 -3.00 -19.99
C PRO A 164 6.53 -2.06 -20.24
N THR A 165 5.65 -2.46 -21.15
CA THR A 165 4.53 -1.61 -21.55
C THR A 165 3.41 -1.55 -20.51
N LEU A 166 3.49 -2.41 -19.49
CA LEU A 166 2.47 -2.43 -18.44
C LEU A 166 2.77 -1.44 -17.31
N GLU A 167 3.88 -0.70 -17.43
CA GLU A 167 4.32 0.17 -16.34
C GLU A 167 3.30 1.22 -15.92
N PRO A 168 2.54 1.79 -16.88
CA PRO A 168 1.53 2.77 -16.44
C PRO A 168 0.49 2.17 -15.49
N PHE A 169 0.21 0.88 -15.64
CA PHE A 169 -0.71 0.19 -14.75
C PHE A 169 -0.04 -0.12 -13.40
N ARG A 170 1.23 -0.51 -13.43
CA ARG A 170 1.99 -0.74 -12.20
C ARG A 170 2.02 0.50 -11.33
N ARG A 171 2.15 1.65 -11.98
CA ARG A 171 2.29 2.93 -11.31
C ARG A 171 1.09 3.23 -10.41
N ILE A 172 -0.09 2.79 -10.83
CA ILE A 172 -1.30 3.02 -10.05
C ILE A 172 -1.35 2.03 -8.88
N LEU A 173 -1.00 0.77 -9.15
CA LEU A 173 -1.14 -0.28 -8.15
C LEU A 173 -0.08 -0.19 -7.05
N ALA A 174 1.00 0.53 -7.34
CA ALA A 174 2.06 0.74 -6.36
C ALA A 174 1.65 1.71 -5.25
N GLU A 175 0.49 2.34 -5.41
CA GLU A 175 0.02 3.34 -4.46
C GLU A 175 -1.36 3.02 -3.89
N THR A 176 -1.91 1.87 -4.27
CA THR A 176 -3.22 1.47 -3.74
C THR A 176 -3.33 -0.03 -3.59
N LYS A 177 -4.06 -0.47 -2.57
CA LYS A 177 -4.31 -1.88 -2.34
C LYS A 177 -5.16 -2.45 -3.47
N TRP A 178 -6.27 -1.76 -3.76
CA TRP A 178 -7.17 -2.13 -4.85
C TRP A 178 -7.49 -0.89 -5.68
N LEU A 179 -7.95 -1.09 -6.91
CA LEU A 179 -8.46 0.03 -7.70
C LEU A 179 -9.66 0.61 -6.96
N GLY A 180 -10.37 -0.23 -6.23
CA GLY A 180 -11.53 0.21 -5.47
C GLY A 180 -11.20 0.89 -4.15
N GLY A 181 -9.91 0.92 -3.80
CA GLY A 181 -9.47 1.50 -2.55
C GLY A 181 -8.97 0.43 -1.58
N ASP A 182 -9.54 0.43 -0.38
CA ASP A 182 -9.16 -0.57 0.64
C ASP A 182 -9.91 -1.88 0.41
N GLN A 183 -10.91 -1.83 -0.48
CA GLN A 183 -11.67 -3.02 -0.86
C GLN A 183 -11.85 -3.04 -2.37
N PRO A 184 -11.98 -4.23 -2.97
CA PRO A 184 -12.14 -4.31 -4.42
C PRO A 184 -13.57 -4.06 -4.89
N ASN A 185 -13.74 -3.64 -6.14
CA ASN A 185 -15.06 -3.61 -6.78
C ASN A 185 -14.92 -3.92 -8.26
N PHE A 186 -15.93 -3.58 -9.06
CA PHE A 186 -15.95 -4.01 -10.46
C PHE A 186 -14.75 -3.51 -11.26
N ALA A 187 -14.17 -2.37 -10.88
CA ALA A 187 -12.96 -1.89 -11.54
C ALA A 187 -11.87 -2.95 -11.43
N ASP A 188 -11.64 -3.46 -10.22
CA ASP A 188 -10.66 -4.52 -10.00
C ASP A 188 -11.01 -5.79 -10.78
N TYR A 189 -12.28 -6.19 -10.73
CA TYR A 189 -12.69 -7.44 -11.35
C TYR A 189 -12.57 -7.36 -12.87
N SER A 190 -12.87 -6.20 -13.45
CA SER A 190 -12.75 -6.02 -14.90
C SER A 190 -11.28 -6.06 -15.33
N ALA A 191 -10.41 -5.43 -14.54
CA ALA A 191 -8.99 -5.44 -14.83
C ALA A 191 -8.40 -6.84 -14.64
N LEU A 192 -8.77 -7.48 -13.54
CA LEU A 192 -8.27 -8.82 -13.22
C LEU A 192 -8.66 -9.81 -14.32
N ALA A 193 -9.84 -9.61 -14.90
CA ALA A 193 -10.36 -10.51 -15.92
C ALA A 193 -9.41 -10.65 -17.12
N VAL A 194 -8.69 -9.59 -17.43
CA VAL A 194 -7.66 -9.65 -18.47
C VAL A 194 -6.62 -10.72 -18.12
N PHE A 195 -6.20 -10.74 -16.87
CA PHE A 195 -5.14 -11.63 -16.44
C PHE A 195 -5.65 -13.03 -16.12
N LEU A 196 -6.91 -13.12 -15.70
CA LEU A 196 -7.57 -14.40 -15.52
C LEU A 196 -7.66 -15.14 -16.84
N TRP A 197 -8.08 -14.45 -17.90
CA TRP A 197 -8.13 -15.05 -19.23
C TRP A 197 -6.76 -15.57 -19.63
N THR A 198 -5.74 -14.73 -19.43
CA THR A 198 -4.38 -15.07 -19.82
C THR A 198 -3.91 -16.33 -19.09
N ALA A 199 -4.18 -16.39 -17.81
CA ALA A 199 -3.76 -17.52 -17.00
C ALA A 199 -4.46 -18.81 -17.44
N SER A 200 -5.67 -18.68 -18.00
CA SER A 200 -6.41 -19.85 -18.43
C SER A 200 -5.84 -20.49 -19.70
N VAL A 201 -5.13 -19.71 -20.54
CA VAL A 201 -4.61 -20.23 -21.79
C VAL A 201 -3.08 -20.23 -21.92
N ALA A 202 -2.39 -19.55 -20.99
CA ALA A 202 -0.94 -19.38 -21.10
C ALA A 202 -0.15 -20.62 -20.71
N ARG A 203 0.29 -21.39 -21.70
CA ARG A 203 1.07 -22.60 -21.42
C ARG A 203 2.55 -22.30 -21.21
N THR A 204 2.95 -21.05 -21.40
CA THR A 204 4.23 -20.57 -20.89
C THR A 204 3.99 -19.20 -20.25
N PRO A 205 4.67 -18.92 -19.11
CA PRO A 205 4.34 -17.71 -18.33
C PRO A 205 4.71 -16.38 -18.99
N PRO A 206 3.79 -15.39 -18.98
CA PRO A 206 4.04 -14.07 -19.58
C PRO A 206 4.74 -13.05 -18.67
N LEU A 207 4.80 -13.30 -17.37
CA LEU A 207 5.38 -12.34 -16.42
C LEU A 207 6.52 -12.95 -15.59
N THR A 208 7.46 -12.12 -15.17
CA THR A 208 8.57 -12.58 -14.33
C THR A 208 8.09 -12.84 -12.91
N GLU A 209 8.82 -13.69 -12.18
CA GLU A 209 8.44 -14.06 -10.82
C GLU A 209 8.38 -12.85 -9.90
N ASP A 210 9.20 -11.82 -10.19
CA ASP A 210 9.29 -10.65 -9.33
C ASP A 210 8.49 -9.43 -9.81
N ASP A 211 7.59 -9.61 -10.77
CA ASP A 211 6.79 -8.48 -11.27
C ASP A 211 6.02 -7.83 -10.12
N PRO A 212 6.13 -6.50 -9.97
CA PRO A 212 5.37 -5.84 -8.90
C PRO A 212 3.84 -6.01 -8.99
N LEU A 213 3.34 -6.43 -10.15
CA LEU A 213 1.91 -6.68 -10.32
C LEU A 213 1.43 -7.90 -9.51
N ARG A 214 2.36 -8.74 -9.10
CA ARG A 214 2.01 -10.01 -8.47
C ARG A 214 1.18 -9.87 -7.18
N ASP A 215 1.43 -8.81 -6.42
CA ASP A 215 0.71 -8.62 -5.15
C ASP A 215 -0.80 -8.52 -5.40
N TRP A 216 -1.17 -7.61 -6.30
CA TRP A 216 -2.57 -7.40 -6.67
C TRP A 216 -3.16 -8.62 -7.38
N LEU A 217 -2.39 -9.20 -8.30
CA LEU A 217 -2.82 -10.38 -9.06
C LEU A 217 -3.11 -11.58 -8.14
N ASP A 218 -2.19 -11.89 -7.23
CA ASP A 218 -2.38 -13.03 -6.34
C ASP A 218 -3.54 -12.80 -5.37
N ARG A 219 -3.64 -11.59 -4.81
CA ARG A 219 -4.75 -11.29 -3.92
C ARG A 219 -6.06 -11.38 -4.69
N GLY A 220 -6.03 -10.91 -5.93
CA GLY A 220 -7.21 -10.96 -6.79
C GLY A 220 -7.63 -12.37 -7.13
N PHE A 221 -6.66 -13.20 -7.52
CA PHE A 221 -6.95 -14.59 -7.88
C PHE A 221 -7.43 -15.37 -6.65
N ASP A 222 -6.98 -14.96 -5.47
CA ASP A 222 -7.34 -15.66 -4.24
C ASP A 222 -8.73 -15.28 -3.71
N LEU A 223 -9.27 -14.16 -4.17
CA LEU A 223 -10.56 -13.68 -3.69
C LEU A 223 -11.66 -14.73 -3.78
N PHE A 224 -12.63 -14.61 -2.87
CA PHE A 224 -13.83 -15.45 -2.85
C PHE A 224 -13.49 -16.95 -2.95
N ASP A 225 -12.63 -17.40 -2.05
CA ASP A 225 -12.21 -18.81 -1.95
C ASP A 225 -11.49 -19.29 -3.22
N GLY A 226 -10.53 -18.50 -3.68
CA GLY A 226 -9.68 -18.89 -4.79
C GLY A 226 -10.42 -19.03 -6.10
N LEU A 227 -11.27 -18.05 -6.39
CA LEU A 227 -12.07 -18.05 -7.61
C LEU A 227 -11.16 -18.17 -8.82
N GLY A 228 -10.00 -17.51 -8.74
CA GLY A 228 -8.99 -17.61 -9.78
C GLY A 228 -8.01 -18.74 -9.61
N ARG A 229 -8.33 -19.73 -8.75
CA ARG A 229 -7.41 -20.83 -8.48
C ARG A 229 -8.00 -22.18 -8.91
N HIS A 230 -8.88 -22.15 -9.91
CA HIS A 230 -9.45 -23.37 -10.47
C HIS A 230 -8.31 -24.27 -10.97
N PRO A 231 -8.42 -25.61 -10.75
CA PRO A 231 -7.34 -26.55 -11.06
C PRO A 231 -6.63 -26.38 -12.42
N GLY A 232 -7.36 -25.97 -13.45
CA GLY A 232 -6.78 -25.87 -14.78
C GLY A 232 -5.83 -24.69 -15.03
N MSE A 233 -5.89 -23.68 -14.17
CA MSE A 233 -5.18 -22.43 -14.40
C MSE A 233 -3.65 -22.61 -14.52
O MSE A 233 -3.04 -23.41 -13.82
CB MSE A 233 -5.45 -21.44 -13.26
CG MSE A 233 -6.90 -20.99 -13.17
SE MSE A 233 -7.48 -20.01 -14.75
CE MSE A 233 -7.37 -18.20 -14.13
H MSE A 233 -6.35 -23.70 -13.44
HA MSE A 233 -5.50 -22.03 -15.22
HB2 MSE A 233 -5.21 -21.86 -12.42
HB3 MSE A 233 -4.91 -20.65 -13.40
HG2 MSE A 233 -7.46 -21.77 -13.07
HG3 MSE A 233 -6.99 -20.41 -12.40
HE1 MSE A 233 -7.64 -17.60 -14.84
HE2 MSE A 233 -7.95 -18.08 -13.36
HE3 MSE A 233 -6.45 -18.00 -13.87
N ASN A 234 -3.07 -21.84 -15.44
CA ASN A 234 -1.62 -21.83 -15.63
C ASN A 234 -1.01 -20.66 -14.87
N PRO A 235 0.26 -20.78 -14.45
CA PRO A 235 0.89 -19.66 -13.74
C PRO A 235 1.15 -18.47 -14.63
N LEU A 236 0.93 -17.26 -14.12
CA LEU A 236 1.28 -16.05 -14.84
C LEU A 236 2.78 -15.77 -14.78
N PHE A 237 3.44 -16.40 -13.81
CA PHE A 237 4.79 -16.00 -13.44
C PHE A 237 5.80 -17.09 -13.76
N GLY A 238 7.01 -16.65 -14.12
CA GLY A 238 8.09 -17.57 -14.45
C GLY A 238 8.77 -17.25 -15.77
N LEU A 239 8.39 -16.14 -16.39
CA LEU A 239 9.02 -15.69 -17.63
C LEU A 239 10.53 -15.60 -17.42
N LYS A 240 11.27 -16.27 -18.31
CA LYS A 240 12.71 -16.32 -18.24
C LYS A 240 13.33 -15.37 -19.24
N LEU A 241 13.88 -14.26 -18.75
CA LEU A 241 14.46 -13.26 -19.64
C LEU A 241 15.83 -13.68 -20.11
N ARG A 242 16.17 -13.26 -21.33
CA ARG A 242 17.43 -13.61 -21.97
C ARG A 242 18.25 -12.35 -22.16
N GLU A 243 19.54 -12.53 -22.45
CA GLU A 243 20.51 -11.44 -22.52
C GLU A 243 19.99 -10.17 -23.22
N GLY A 244 19.36 -10.33 -24.37
CA GLY A 244 18.93 -9.18 -25.16
C GLY A 244 17.66 -8.50 -24.68
N ASP A 245 16.84 -9.22 -23.92
CA ASP A 245 15.49 -8.75 -23.58
C ASP A 245 15.46 -7.47 -22.73
N PRO A 246 14.40 -6.65 -22.89
CA PRO A 246 14.29 -5.41 -22.13
C PRO A 246 14.01 -5.64 -20.66
N GLU A 247 14.30 -4.67 -19.81
CA GLU A 247 13.97 -4.76 -18.40
C GLU A 247 12.45 -4.69 -18.23
N PRO A 248 11.85 -5.67 -17.50
CA PRO A 248 10.40 -5.82 -17.50
C PRO A 248 9.63 -4.72 -16.74
N PHE A 249 10.24 -4.10 -15.74
CA PHE A 249 9.57 -3.06 -14.97
C PHE A 249 10.55 -2.10 -14.31
N VAL A 250 10.03 -0.96 -13.85
CA VAL A 250 10.83 0.02 -13.14
C VAL A 250 11.06 -0.43 -11.69
N ARG A 251 12.30 -0.35 -11.24
CA ARG A 251 12.68 -0.93 -9.96
C ARG A 251 12.89 0.10 -8.85
N GLN A 252 12.73 1.38 -9.18
CA GLN A 252 12.83 2.46 -8.20
C GLN A 252 11.97 2.16 -6.97
N ASN B 4 -14.13 34.40 3.72
CA ASN B 4 -15.46 33.80 3.66
C ASN B 4 -16.43 34.77 2.96
N ASN B 5 -16.95 34.43 1.78
CA ASN B 5 -16.88 33.12 1.11
C ASN B 5 -15.61 32.97 0.24
N THR B 6 -14.47 33.33 0.81
CA THR B 6 -13.24 33.53 0.04
C THR B 6 -12.10 32.65 0.53
N ILE B 7 -11.38 32.09 -0.43
CA ILE B 7 -10.15 31.33 -0.16
C ILE B 7 -9.02 31.92 -1.00
N THR B 8 -7.89 32.17 -0.36
CA THR B 8 -6.72 32.70 -1.05
C THR B 8 -6.05 31.59 -1.84
N LEU B 9 -5.63 31.90 -3.06
CA LEU B 9 -4.95 30.95 -3.93
C LEU B 9 -3.66 31.58 -4.48
N TYR B 10 -2.55 30.88 -4.32
CA TYR B 10 -1.28 31.34 -4.88
C TYR B 10 -1.12 30.81 -6.31
N ASP B 11 -1.23 31.74 -7.26
CA ASP B 11 -1.30 31.44 -8.67
C ASP B 11 0.08 31.22 -9.28
N LEU B 12 0.11 30.73 -10.52
CA LEU B 12 1.31 30.73 -11.34
C LEU B 12 0.91 31.25 -12.72
N GLN B 13 1.28 32.51 -13.00
CA GLN B 13 0.72 33.25 -14.12
C GLN B 13 1.75 33.60 -15.19
N LEU B 14 1.26 33.79 -16.41
CA LEU B 14 2.07 34.34 -17.49
C LEU B 14 2.03 35.86 -17.41
N GLU B 15 2.78 36.54 -18.28
CA GLU B 15 2.83 38.01 -18.26
C GLU B 15 1.45 38.62 -18.52
N SER B 16 0.58 37.85 -19.14
CA SER B 16 -0.78 38.31 -19.44
C SER B 16 -1.69 38.21 -18.22
N GLY B 17 -1.18 37.61 -17.14
CA GLY B 17 -1.98 37.34 -15.96
C GLY B 17 -2.59 35.96 -16.04
N CYS B 18 -2.41 35.32 -17.18
CA CYS B 18 -3.04 34.04 -17.47
C CYS B 18 -2.34 32.88 -16.79
N THR B 19 -3.10 31.99 -16.15
CA THR B 19 -2.55 30.83 -15.50
C THR B 19 -1.95 29.88 -16.54
N ILE B 20 -0.83 29.26 -16.18
CA ILE B 20 -0.17 28.28 -17.05
C ILE B 20 -0.13 26.91 -16.38
N SER B 21 0.15 26.88 -15.08
CA SER B 21 0.28 25.63 -14.35
C SER B 21 -1.01 24.81 -14.37
N PRO B 22 -0.95 23.56 -14.83
CA PRO B 22 -2.17 22.74 -14.84
C PRO B 22 -2.65 22.42 -13.42
N TYR B 23 -1.72 22.31 -12.48
CA TYR B 23 -2.05 22.05 -11.08
C TYR B 23 -2.86 23.20 -10.50
N VAL B 24 -2.46 24.43 -10.84
CA VAL B 24 -3.19 25.61 -10.43
C VAL B 24 -4.52 25.67 -11.15
N TRP B 25 -4.53 25.26 -12.41
CA TRP B 25 -5.76 25.28 -13.20
C TRP B 25 -6.85 24.41 -12.58
N ARG B 26 -6.53 23.16 -12.25
CA ARG B 26 -7.55 22.26 -11.72
C ARG B 26 -7.96 22.68 -10.31
N THR B 27 -7.11 23.45 -9.64
CA THR B 27 -7.43 23.94 -8.31
C THR B 27 -8.41 25.13 -8.39
N LYS B 28 -8.21 26.00 -9.36
CA LYS B 28 -9.17 27.08 -9.61
C LYS B 28 -10.56 26.49 -9.86
N TYR B 29 -10.61 25.48 -10.73
CA TYR B 29 -11.87 24.82 -11.07
C TYR B 29 -12.48 24.13 -9.87
N ALA B 30 -11.64 23.51 -9.05
CA ALA B 30 -12.12 22.83 -7.86
C ALA B 30 -12.71 23.82 -6.85
N LEU B 31 -12.08 24.98 -6.72
CA LEU B 31 -12.58 26.01 -5.82
C LEU B 31 -13.93 26.56 -6.28
N LYS B 32 -14.06 26.83 -7.58
CA LYS B 32 -15.31 27.35 -8.12
C LYS B 32 -16.40 26.29 -8.15
N HIS B 33 -16.00 25.02 -8.31
CA HIS B 33 -16.92 23.89 -8.21
C HIS B 33 -17.59 23.88 -6.85
N LYS B 34 -16.81 24.18 -5.82
CA LYS B 34 -17.31 24.27 -4.46
C LYS B 34 -18.04 25.59 -4.20
N GLY B 35 -17.96 26.51 -5.15
CA GLY B 35 -18.71 27.75 -5.08
C GLY B 35 -18.03 28.86 -4.29
N PHE B 36 -16.72 28.74 -4.06
CA PHE B 36 -15.98 29.76 -3.32
C PHE B 36 -15.55 30.89 -4.24
N ASP B 37 -15.34 32.07 -3.66
CA ASP B 37 -14.65 33.15 -4.36
C ASP B 37 -13.15 32.98 -4.13
N ILE B 38 -12.35 33.33 -5.13
CA ILE B 38 -10.89 33.16 -5.04
C ILE B 38 -10.20 34.49 -4.86
N ASP B 39 -9.33 34.57 -3.86
CA ASP B 39 -8.42 35.70 -3.71
C ASP B 39 -7.08 35.31 -4.34
N ILE B 40 -6.89 35.76 -5.57
CA ILE B 40 -5.75 35.36 -6.37
C ILE B 40 -4.49 36.15 -6.01
N VAL B 41 -3.42 35.42 -5.68
CA VAL B 41 -2.12 36.04 -5.46
C VAL B 41 -1.29 35.85 -6.73
N PRO B 42 -1.06 36.95 -7.47
CA PRO B 42 -0.32 36.79 -8.73
C PRO B 42 1.15 36.43 -8.53
N GLY B 43 1.80 36.01 -9.61
CA GLY B 43 3.22 35.70 -9.58
C GLY B 43 3.56 34.62 -10.59
N GLY B 44 4.83 34.24 -10.63
CA GLY B 44 5.29 33.24 -11.59
C GLY B 44 6.24 32.21 -11.00
N PHE B 45 7.16 31.75 -11.83
CA PHE B 45 8.03 30.64 -11.48
C PHE B 45 9.04 30.99 -10.38
N THR B 46 9.52 32.24 -10.39
CA THR B 46 10.53 32.66 -9.43
C THR B 46 9.90 33.35 -8.22
N GLY B 47 10.53 33.19 -7.06
CA GLY B 47 10.14 33.89 -5.86
C GLY B 47 8.93 33.31 -5.15
N ILE B 48 8.68 32.03 -5.35
CA ILE B 48 7.51 31.37 -4.76
C ILE B 48 7.64 31.29 -3.24
N LEU B 49 8.82 30.93 -2.76
CA LEU B 49 9.04 30.79 -1.33
C LEU B 49 8.83 32.11 -0.61
N GLU B 50 9.29 33.20 -1.24
CA GLU B 50 9.12 34.52 -0.67
C GLU B 50 7.68 35.01 -0.77
N ARG B 51 7.01 34.68 -1.86
CA ARG B 51 5.61 35.08 -2.08
C ARG B 51 4.69 34.45 -1.04
N THR B 52 4.96 33.21 -0.68
CA THR B 52 4.28 32.58 0.43
C THR B 52 5.10 32.95 1.67
N GLY B 53 4.65 32.58 2.85
CA GLY B 53 5.35 32.95 4.07
C GLY B 53 6.58 32.12 4.36
N GLY B 54 7.11 31.48 3.32
CA GLY B 54 8.20 30.54 3.48
C GLY B 54 7.67 29.13 3.70
N ARG B 55 6.36 28.94 3.55
CA ARG B 55 5.74 27.65 3.82
C ARG B 55 5.80 26.71 2.60
N SER B 56 6.08 27.27 1.42
CA SER B 56 6.00 26.47 0.20
C SER B 56 6.95 26.96 -0.89
N GLU B 57 7.60 26.00 -1.55
CA GLU B 57 8.45 26.28 -2.70
C GLU B 57 7.73 25.94 -4.01
N ARG B 58 6.47 25.49 -3.87
CA ARG B 58 5.63 25.16 -5.01
C ARG B 58 4.23 25.74 -4.88
N VAL B 59 3.60 25.96 -6.03
CA VAL B 59 2.19 26.36 -6.10
C VAL B 59 1.45 25.29 -6.90
N PRO B 60 0.12 25.17 -6.71
CA PRO B 60 -0.76 26.02 -5.91
C PRO B 60 -0.67 25.82 -4.40
N VAL B 61 -0.98 26.89 -3.69
CA VAL B 61 -1.17 26.88 -2.26
C VAL B 61 -2.43 27.66 -1.97
N ILE B 62 -3.27 27.16 -1.08
CA ILE B 62 -4.44 27.91 -0.66
C ILE B 62 -4.36 28.21 0.83
N VAL B 63 -5.04 29.29 1.23
CA VAL B 63 -5.20 29.63 2.64
C VAL B 63 -6.69 29.81 2.89
N ASP B 64 -7.24 28.93 3.72
CA ASP B 64 -8.67 28.94 4.03
C ASP B 64 -8.85 29.44 5.45
N ASP B 65 -9.38 30.66 5.57
CA ASP B 65 -9.26 31.46 6.78
C ASP B 65 -7.79 31.70 7.07
N GLY B 66 -7.18 30.76 7.80
CA GLY B 66 -5.77 30.83 8.10
C GLY B 66 -5.12 29.45 8.05
N GLU B 67 -5.85 28.49 7.50
CA GLU B 67 -5.36 27.13 7.34
C GLU B 67 -4.68 26.99 5.98
N TRP B 68 -3.40 26.63 6.02
CA TRP B 68 -2.60 26.52 4.81
C TRP B 68 -2.62 25.09 4.28
N VAL B 69 -2.94 24.95 2.99
CA VAL B 69 -2.99 23.64 2.35
C VAL B 69 -2.12 23.63 1.09
N LEU B 70 -1.18 22.69 1.05
CA LEU B 70 -0.25 22.57 -0.05
C LEU B 70 -0.61 21.38 -0.95
N ASP B 71 -0.22 21.47 -2.22
CA ASP B 71 -0.39 20.38 -3.20
C ASP B 71 -1.82 20.32 -3.73
N SER B 72 -1.96 20.45 -5.05
CA SER B 72 -3.26 20.54 -5.70
C SER B 72 -4.14 19.33 -5.39
N TRP B 73 -3.55 18.15 -5.37
CA TRP B 73 -4.34 16.96 -5.05
C TRP B 73 -4.86 17.01 -3.62
N VAL B 74 -3.99 17.38 -2.69
CA VAL B 74 -4.35 17.45 -1.28
C VAL B 74 -5.42 18.53 -1.06
N ILE B 75 -5.27 19.64 -1.77
CA ILE B 75 -6.25 20.73 -1.70
C ILE B 75 -7.64 20.23 -2.07
N ALA B 76 -7.73 19.44 -3.13
CA ALA B 76 -9.02 18.91 -3.58
C ALA B 76 -9.64 18.02 -2.51
N GLU B 77 -8.81 17.19 -1.88
CA GLU B 77 -9.29 16.27 -0.87
C GLU B 77 -9.72 17.04 0.38
N TYR B 78 -8.98 18.09 0.69
CA TYR B 78 -9.29 18.99 1.80
C TYR B 78 -10.66 19.64 1.62
N LEU B 79 -10.94 20.09 0.40
CA LEU B 79 -12.20 20.78 0.11
C LEU B 79 -13.39 19.84 0.28
N ASP B 80 -13.27 18.61 -0.19
CA ASP B 80 -14.33 17.62 0.00
C ASP B 80 -14.49 17.24 1.48
N GLU B 81 -13.38 17.22 2.22
CA GLU B 81 -13.42 16.84 3.63
C GLU B 81 -14.05 17.93 4.50
N LYS B 82 -13.65 19.18 4.28
CA LYS B 82 -14.09 20.28 5.12
C LYS B 82 -15.44 20.83 4.68
N TYR B 83 -15.78 20.63 3.41
CA TYR B 83 -17.01 21.17 2.85
C TYR B 83 -17.81 20.11 2.11
N PRO B 84 -18.31 19.12 2.86
CA PRO B 84 -19.14 18.06 2.27
C PRO B 84 -20.51 18.56 1.85
N ASP B 85 -20.86 19.76 2.31
CA ASP B 85 -22.15 20.36 2.01
C ASP B 85 -22.17 21.06 0.64
N ARG B 86 -20.98 21.26 0.07
CA ARG B 86 -20.84 21.89 -1.24
C ARG B 86 -20.52 20.80 -2.28
N PRO B 87 -20.73 21.09 -3.58
CA PRO B 87 -20.61 20.07 -4.62
C PRO B 87 -19.32 19.25 -4.52
N MSE B 88 -19.47 17.93 -4.54
CA MSE B 88 -18.37 17.01 -4.28
C MSE B 88 -17.45 16.84 -5.49
O MSE B 88 -17.91 16.69 -6.63
CB MSE B 88 -18.92 15.65 -3.87
CG MSE B 88 -19.74 15.70 -2.59
SE MSE B 88 -18.68 16.25 -1.05
CE MSE B 88 -17.72 14.60 -0.74
H MSE B 88 -20.21 17.54 -4.70
HA MSE B 88 -17.85 17.35 -3.55
HB2 MSE B 88 -19.49 15.30 -4.57
HB3 MSE B 88 -18.18 15.04 -3.72
HG2 MSE B 88 -20.10 14.81 -2.41
HG3 MSE B 88 -20.46 16.34 -2.71
HE1 MSE B 88 -18.36 13.89 -0.56
HE2 MSE B 88 -17.20 14.38 -1.53
HE3 MSE B 88 -17.13 14.71 0.03
N LEU B 89 -16.16 16.86 -5.21
CA LEU B 89 -15.13 16.78 -6.25
C LEU B 89 -14.81 15.34 -6.61
N PHE B 90 -14.79 14.47 -5.61
CA PHE B 90 -14.52 13.05 -5.80
C PHE B 90 -15.76 12.21 -5.53
N GLU B 91 -15.96 11.21 -6.38
CA GLU B 91 -17.04 10.26 -6.28
C GLU B 91 -16.72 9.22 -5.20
N GLY B 92 -15.43 8.91 -5.07
CA GLY B 92 -14.98 7.88 -4.16
C GLY B 92 -13.53 7.50 -4.46
N PRO B 93 -13.02 6.46 -3.77
CA PRO B 93 -11.62 6.04 -3.92
C PRO B 93 -11.31 5.51 -5.31
N THR B 94 -12.29 4.91 -5.98
CA THR B 94 -12.05 4.34 -7.29
C THR B 94 -11.78 5.44 -8.32
N GLN B 95 -12.51 6.55 -8.20
CA GLN B 95 -12.25 7.70 -9.07
C GLN B 95 -10.80 8.14 -8.95
N LYS B 96 -10.33 8.25 -7.72
CA LYS B 96 -8.97 8.72 -7.46
C LYS B 96 -7.93 7.87 -8.19
N ASN B 97 -8.08 6.55 -8.13
CA ASN B 97 -7.12 5.67 -8.78
C ASN B 97 -7.20 5.72 -10.31
N LEU B 98 -8.42 5.69 -10.84
CA LEU B 98 -8.59 5.67 -12.29
C LEU B 98 -8.32 7.04 -12.89
N MSE B 99 -8.56 8.10 -12.11
CA MSE B 99 -8.18 9.46 -12.51
C MSE B 99 -6.70 9.58 -12.79
O MSE B 99 -6.28 10.20 -13.77
CB MSE B 99 -8.51 10.46 -11.42
CG MSE B 99 -9.88 11.06 -11.44
SE MSE B 99 -9.85 12.43 -10.08
CE MSE B 99 -8.76 13.74 -11.02
H MSE B 99 -8.94 8.06 -11.34
HA MSE B 99 -8.68 9.71 -13.31
HB2 MSE B 99 -8.41 10.01 -10.57
HB3 MSE B 99 -7.88 11.19 -11.48
HG2 MSE B 99 -10.06 11.46 -12.31
HG3 MSE B 99 -10.55 10.39 -11.22
HE1 MSE B 99 -9.20 14.00 -11.84
HE2 MSE B 99 -8.64 14.52 -10.46
HE3 MSE B 99 -7.89 13.34 -11.22
N LYS B 100 -5.91 9.03 -11.89
CA LYS B 100 -4.46 9.10 -11.98
C LYS B 100 -3.99 8.35 -13.23
N PHE B 101 -4.64 7.22 -13.54
CA PHE B 101 -4.29 6.50 -14.75
C PHE B 101 -4.56 7.33 -16.01
N LEU B 102 -5.73 7.98 -16.06
CA LEU B 102 -6.07 8.84 -17.19
C LEU B 102 -5.13 10.04 -17.28
N ASP B 103 -4.86 10.66 -16.14
CA ASP B 103 -4.00 11.83 -16.08
C ASP B 103 -2.60 11.53 -16.56
N ASN B 104 -2.02 10.42 -16.08
CA ASN B 104 -0.68 10.04 -16.48
C ASN B 104 -0.61 9.82 -17.99
N TRP B 105 -1.67 9.21 -18.53
CA TRP B 105 -1.76 8.95 -19.97
C TRP B 105 -1.83 10.24 -20.77
N LEU B 106 -2.66 11.19 -20.32
CA LEU B 106 -2.75 12.49 -20.98
C LEU B 106 -1.41 13.22 -20.93
N TRP B 107 -0.69 13.05 -19.83
CA TRP B 107 0.59 13.72 -19.65
C TRP B 107 1.67 13.16 -20.55
N SER B 108 1.65 11.85 -20.76
CA SER B 108 2.62 11.21 -21.64
C SER B 108 2.24 11.39 -23.10
N THR B 109 0.94 11.38 -23.39
CA THR B 109 0.45 11.43 -24.77
C THR B 109 0.32 12.85 -25.31
N ALA B 110 -0.17 13.78 -24.49
CA ALA B 110 -0.39 15.16 -24.93
C ALA B 110 0.68 16.13 -24.44
N VAL B 111 0.96 16.13 -23.14
CA VAL B 111 1.87 17.11 -22.56
C VAL B 111 3.31 16.88 -23.01
N GLY B 112 3.69 15.61 -23.12
CA GLY B 112 5.04 15.27 -23.57
C GLY B 112 5.36 15.98 -24.87
N PRO B 113 4.65 15.62 -25.94
CA PRO B 113 4.89 16.22 -27.27
C PRO B 113 4.64 17.73 -27.31
N TRP B 114 3.54 18.18 -26.72
CA TRP B 114 3.18 19.61 -26.81
C TRP B 114 4.17 20.51 -26.06
N PHE B 115 4.77 19.98 -25.00
CA PHE B 115 5.75 20.71 -24.20
C PHE B 115 6.93 21.16 -25.07
N ARG B 116 7.35 20.28 -25.96
CA ARG B 116 8.46 20.57 -26.86
C ARG B 116 8.03 21.50 -27.99
N CYS B 117 6.77 21.39 -28.38
CA CYS B 117 6.26 22.19 -29.49
C CYS B 117 6.04 23.64 -29.09
N TYR B 118 5.98 23.91 -27.79
CA TYR B 118 5.64 25.23 -27.30
C TYR B 118 6.61 25.74 -26.23
N ILE B 119 7.77 25.10 -26.12
CA ILE B 119 8.70 25.41 -25.06
C ILE B 119 9.26 26.83 -25.18
N LEU B 120 9.34 27.35 -26.41
CA LEU B 120 9.82 28.72 -26.60
C LEU B 120 8.70 29.73 -26.34
N ASP B 121 7.48 29.40 -26.77
CA ASP B 121 6.32 30.24 -26.49
C ASP B 121 6.12 30.34 -24.98
N TYR B 122 6.20 29.19 -24.33
CA TYR B 122 6.23 29.04 -22.88
C TYR B 122 7.13 30.11 -22.24
N HIS B 123 8.38 30.14 -22.68
CA HIS B 123 9.38 31.10 -22.21
C HIS B 123 9.04 32.54 -22.54
N ASP B 124 8.67 32.80 -23.78
CA ASP B 124 8.46 34.16 -24.26
C ASP B 124 7.21 34.80 -23.67
N LEU B 125 6.23 33.97 -23.29
CA LEU B 125 4.99 34.47 -22.71
C LEU B 125 5.08 34.65 -21.19
N SER B 126 6.19 34.20 -20.61
CA SER B 126 6.36 34.28 -19.16
C SER B 126 6.58 35.72 -18.69
N LEU B 127 6.50 35.92 -17.38
CA LEU B 127 6.80 37.22 -16.78
C LEU B 127 8.25 37.57 -17.02
N PRO B 128 8.56 38.88 -17.16
CA PRO B 128 9.95 39.30 -17.45
C PRO B 128 10.96 38.76 -16.44
N GLN B 129 10.60 38.80 -15.16
CA GLN B 129 11.46 38.33 -14.09
C GLN B 129 11.74 36.83 -14.18
N ASP B 130 10.83 36.08 -14.82
CA ASP B 130 10.95 34.62 -14.91
C ASP B 130 11.80 34.13 -16.08
N ARG B 131 11.87 34.91 -17.15
CA ARG B 131 12.36 34.41 -18.44
C ARG B 131 13.76 33.80 -18.38
N ASP B 132 14.66 34.42 -17.63
CA ASP B 132 16.00 33.87 -17.46
C ASP B 132 15.93 32.49 -16.77
N TYR B 133 15.31 32.45 -15.60
CA TYR B 133 15.20 31.20 -14.84
C TYR B 133 14.56 30.09 -15.66
N VAL B 134 13.53 30.44 -16.43
CA VAL B 134 12.84 29.45 -17.24
C VAL B 134 13.77 28.95 -18.35
N ARG B 135 14.50 29.88 -18.96
CA ARG B 135 15.41 29.53 -20.06
C ARG B 135 16.41 28.44 -19.66
N TRP B 136 17.37 28.79 -18.81
CA TRP B 136 18.51 27.92 -18.57
C TRP B 136 18.10 26.61 -17.91
N SER B 137 17.07 26.65 -17.07
CA SER B 137 16.66 25.47 -16.32
C SER B 137 15.88 24.50 -17.19
N ARG B 138 14.95 25.01 -18.00
CA ARG B 138 14.15 24.17 -18.87
C ARG B 138 15.00 23.57 -19.99
N GLU B 139 15.96 24.34 -20.49
CA GLU B 139 16.83 23.85 -21.56
C GLU B 139 18.00 23.06 -20.98
N GLN B 140 17.83 22.57 -19.75
CA GLN B 140 18.91 21.85 -19.07
C GLN B 140 18.42 20.76 -18.11
N TRP B 141 17.23 20.91 -17.55
CA TRP B 141 16.76 20.00 -16.50
C TRP B 141 15.78 18.94 -16.98
N PHE B 142 14.84 19.33 -17.84
CA PHE B 142 13.68 18.49 -18.16
C PHE B 142 13.66 17.61 -19.43
N LEU B 143 14.52 17.78 -20.45
CA LEU B 143 15.61 18.74 -20.50
C LEU B 143 15.90 19.09 -21.94
N GLY B 144 17.12 19.57 -22.21
CA GLY B 144 17.50 19.99 -23.55
C GLY B 144 18.03 18.84 -24.40
N GLY B 145 19.33 18.53 -24.31
CA GLY B 145 20.26 19.20 -23.42
C GLY B 145 20.62 20.63 -23.81
N GLN B 146 20.22 21.03 -25.02
CA GLN B 146 20.47 22.40 -25.49
C GLN B 146 19.17 23.21 -25.57
N ARG B 147 19.11 24.18 -26.48
CA ARG B 147 18.30 25.37 -26.28
C ARG B 147 16.88 25.37 -26.86
N LEU B 148 16.08 26.32 -26.38
CA LEU B 148 14.63 26.33 -26.58
C LEU B 148 14.19 26.66 -28.00
N GLU B 149 14.98 27.47 -28.70
CA GLU B 149 14.65 27.79 -30.08
C GLU B 149 14.87 26.57 -30.98
N ASP B 150 15.83 25.74 -30.61
CA ASP B 150 16.17 24.56 -31.39
C ASP B 150 15.22 23.38 -31.10
N VAL B 151 14.69 23.36 -29.88
CA VAL B 151 13.75 22.31 -29.49
C VAL B 151 12.36 22.57 -30.06
N GLN B 152 11.94 23.84 -30.08
CA GLN B 152 10.62 24.20 -30.58
C GLN B 152 10.57 24.20 -32.10
N ALA B 153 11.71 24.45 -32.74
CA ALA B 153 11.78 24.42 -34.19
C ALA B 153 11.42 23.03 -34.69
N GLY B 154 10.58 22.98 -35.72
CA GLY B 154 10.15 21.72 -36.29
C GLY B 154 8.80 21.25 -35.76
N ARG B 155 8.14 22.09 -34.98
CA ARG B 155 6.86 21.72 -34.39
C ARG B 155 5.77 21.56 -35.45
N GLU B 156 5.93 22.25 -36.58
CA GLU B 156 4.97 22.11 -37.67
C GLU B 156 4.94 20.66 -38.17
N ASP B 157 6.03 19.94 -37.89
CA ASP B 157 6.14 18.54 -38.29
C ASP B 157 5.68 17.57 -37.19
N ARG B 158 5.72 18.03 -35.93
CA ARG B 158 5.35 17.19 -34.81
C ARG B 158 3.86 17.26 -34.47
N LEU B 159 3.29 18.46 -34.55
CA LEU B 159 1.92 18.70 -34.12
C LEU B 159 0.87 17.82 -34.83
N PRO B 160 1.07 17.56 -36.14
CA PRO B 160 0.11 16.68 -36.83
C PRO B 160 0.07 15.27 -36.25
N LEU B 161 1.12 14.86 -35.55
CA LEU B 161 1.23 13.48 -35.09
C LEU B 161 0.47 13.21 -33.79
N VAL B 162 0.05 14.27 -33.11
CA VAL B 162 -0.57 14.11 -31.80
C VAL B 162 -2.07 13.78 -31.87
N PRO B 163 -2.85 14.52 -32.68
CA PRO B 163 -4.30 14.31 -32.70
C PRO B 163 -4.76 12.84 -32.79
N PRO B 164 -4.17 12.05 -33.70
CA PRO B 164 -4.63 10.66 -33.80
C PRO B 164 -4.44 9.89 -32.49
N THR B 165 -3.37 10.20 -31.76
CA THR B 165 -3.04 9.47 -30.54
C THR B 165 -4.00 9.76 -29.40
N LEU B 166 -4.88 10.74 -29.58
CA LEU B 166 -5.84 11.10 -28.54
C LEU B 166 -7.15 10.30 -28.64
N GLU B 167 -7.23 9.37 -29.59
CA GLU B 167 -8.50 8.70 -29.86
C GLU B 167 -9.08 7.93 -28.66
N PRO B 168 -8.20 7.27 -27.87
CA PRO B 168 -8.72 6.58 -26.68
C PRO B 168 -9.50 7.50 -25.73
N PHE B 169 -9.10 8.76 -25.68
CA PHE B 169 -9.80 9.76 -24.86
C PHE B 169 -11.11 10.17 -25.54
N ARG B 170 -11.05 10.35 -26.86
CA ARG B 170 -12.26 10.68 -27.65
C ARG B 170 -13.32 9.62 -27.48
N ARG B 171 -12.88 8.38 -27.36
CA ARG B 171 -13.77 7.23 -27.27
C ARG B 171 -14.66 7.31 -26.03
N ILE B 172 -14.09 7.78 -24.92
CA ILE B 172 -14.84 8.00 -23.69
C ILE B 172 -15.85 9.15 -23.82
N LEU B 173 -15.38 10.30 -24.25
CA LEU B 173 -16.22 11.50 -24.33
C LEU B 173 -17.33 11.37 -25.37
N ALA B 174 -17.20 10.41 -26.27
CA ALA B 174 -18.25 10.15 -27.25
C ALA B 174 -19.52 9.59 -26.61
N GLU B 175 -19.38 9.03 -25.41
CA GLU B 175 -20.48 8.33 -24.75
C GLU B 175 -20.88 8.95 -23.40
N THR B 176 -20.39 10.15 -23.13
CA THR B 176 -20.73 10.84 -21.89
C THR B 176 -20.53 12.35 -22.04
N LYS B 177 -21.34 13.13 -21.35
CA LYS B 177 -21.25 14.59 -21.44
C LYS B 177 -20.00 15.09 -20.72
N TRP B 178 -19.83 14.63 -19.48
CA TRP B 178 -18.63 14.89 -18.69
C TRP B 178 -18.08 13.57 -18.18
N LEU B 179 -16.79 13.56 -17.80
CA LEU B 179 -16.23 12.39 -17.14
C LEU B 179 -17.00 12.07 -15.86
N GLY B 180 -17.52 13.11 -15.21
CA GLY B 180 -18.31 12.93 -14.01
C GLY B 180 -19.76 12.55 -14.26
N GLY B 181 -20.12 12.36 -15.52
CA GLY B 181 -21.47 11.98 -15.89
C GLY B 181 -22.24 13.14 -16.47
N ASP B 182 -23.39 13.44 -15.88
CA ASP B 182 -24.25 14.52 -16.36
C ASP B 182 -23.72 15.87 -15.90
N GLN B 183 -22.87 15.85 -14.89
CA GLN B 183 -22.24 17.05 -14.35
C GLN B 183 -20.75 16.84 -14.17
N PRO B 184 -19.96 17.90 -14.31
CA PRO B 184 -18.50 17.74 -14.17
C PRO B 184 -18.04 17.56 -12.71
N ASN B 185 -16.88 16.94 -12.52
CA ASN B 185 -16.20 16.95 -11.22
C ASN B 185 -14.69 16.99 -11.43
N PHE B 186 -13.92 16.67 -10.39
CA PHE B 186 -12.47 16.85 -10.43
C PHE B 186 -11.81 16.01 -11.52
N ALA B 187 -12.46 14.93 -11.94
CA ALA B 187 -11.94 14.14 -13.06
C ALA B 187 -11.89 14.99 -14.32
N ASP B 188 -12.98 15.71 -14.58
CA ASP B 188 -13.05 16.62 -15.71
C ASP B 188 -12.02 17.74 -15.58
N TYR B 189 -11.93 18.32 -14.39
CA TYR B 189 -11.08 19.47 -14.20
C TYR B 189 -9.62 19.10 -14.31
N SER B 190 -9.26 17.90 -13.84
CA SER B 190 -7.88 17.45 -13.93
C SER B 190 -7.49 17.16 -15.38
N ALA B 191 -8.38 16.51 -16.12
CA ALA B 191 -8.17 16.27 -17.55
C ALA B 191 -8.11 17.59 -18.31
N LEU B 192 -9.01 18.52 -17.98
CA LEU B 192 -9.09 19.81 -18.66
C LEU B 192 -7.82 20.64 -18.46
N ALA B 193 -7.20 20.49 -17.30
CA ALA B 193 -6.00 21.24 -16.93
C ALA B 193 -4.88 21.04 -17.95
N VAL B 194 -4.82 19.85 -18.54
CA VAL B 194 -3.84 19.56 -19.58
C VAL B 194 -4.02 20.48 -20.77
N PHE B 195 -5.27 20.71 -21.15
CA PHE B 195 -5.59 21.51 -22.31
C PHE B 195 -5.61 23.00 -21.96
N LEU B 196 -5.90 23.31 -20.70
CA LEU B 196 -5.86 24.70 -20.23
C LEU B 196 -4.42 25.22 -20.21
N TRP B 197 -3.48 24.36 -19.81
CA TRP B 197 -2.07 24.70 -19.90
C TRP B 197 -1.64 24.94 -21.35
N THR B 198 -2.10 24.05 -22.21
CA THR B 198 -1.73 24.10 -23.62
C THR B 198 -2.19 25.42 -24.24
N ALA B 199 -3.40 25.83 -23.89
CA ALA B 199 -3.99 27.05 -24.45
C ALA B 199 -3.25 28.28 -23.97
N SER B 200 -2.64 28.20 -22.79
CA SER B 200 -1.91 29.33 -22.22
C SER B 200 -0.58 29.60 -22.93
N VAL B 201 -0.07 28.61 -23.67
CA VAL B 201 1.25 28.74 -24.30
C VAL B 201 1.28 28.44 -25.80
N ALA B 202 0.19 27.95 -26.36
CA ALA B 202 0.18 27.54 -27.77
C ALA B 202 -0.09 28.71 -28.72
N ARG B 203 0.96 29.23 -29.34
CA ARG B 203 0.83 30.35 -30.25
C ARG B 203 0.50 29.90 -31.66
N THR B 204 0.36 28.58 -31.83
CA THR B 204 -0.25 28.00 -33.02
C THR B 204 -1.11 26.81 -32.56
N PRO B 205 -2.31 26.65 -33.14
CA PRO B 205 -3.26 25.67 -32.59
C PRO B 205 -2.85 24.20 -32.75
N PRO B 206 -2.96 23.40 -31.68
CA PRO B 206 -2.59 21.97 -31.76
C PRO B 206 -3.68 21.04 -32.27
N LEU B 207 -4.91 21.51 -32.40
CA LEU B 207 -6.03 20.67 -32.77
C LEU B 207 -6.77 21.23 -34.00
N THR B 208 -7.43 20.36 -34.75
CA THR B 208 -8.19 20.81 -35.92
C THR B 208 -9.51 21.39 -35.46
N GLU B 209 -10.09 22.26 -36.30
CA GLU B 209 -11.29 23.00 -35.93
C GLU B 209 -12.48 22.10 -35.58
N ASP B 210 -12.53 20.91 -36.16
CA ASP B 210 -13.68 20.02 -35.99
C ASP B 210 -13.39 18.77 -35.16
N ASP B 211 -12.31 18.82 -34.38
CA ASP B 211 -11.98 17.74 -33.46
C ASP B 211 -13.17 17.47 -32.53
N PRO B 212 -13.60 16.20 -32.42
CA PRO B 212 -14.73 15.88 -31.52
C PRO B 212 -14.52 16.32 -30.07
N LEU B 213 -13.26 16.44 -29.65
CA LEU B 213 -12.92 16.92 -28.31
C LEU B 213 -13.42 18.34 -28.06
N ARG B 214 -13.67 19.08 -29.12
CA ARG B 214 -14.02 20.50 -28.98
C ARG B 214 -15.28 20.71 -28.15
N ASP B 215 -16.23 19.77 -28.25
CA ASP B 215 -17.48 19.89 -27.51
C ASP B 215 -17.20 19.96 -26.00
N TRP B 216 -16.49 18.98 -25.49
CA TRP B 216 -16.13 18.92 -24.07
C TRP B 216 -15.17 20.05 -23.69
N LEU B 217 -14.24 20.36 -24.59
CA LEU B 217 -13.24 21.39 -24.33
C LEU B 217 -13.84 22.80 -24.19
N ASP B 218 -14.70 23.18 -25.13
CA ASP B 218 -15.31 24.50 -25.09
C ASP B 218 -16.24 24.62 -23.88
N ARG B 219 -17.01 23.56 -23.61
CA ARG B 219 -17.90 23.55 -22.45
C ARG B 219 -17.08 23.73 -21.17
N GLY B 220 -16.00 22.98 -21.06
CA GLY B 220 -15.12 23.06 -19.90
C GLY B 220 -14.55 24.45 -19.69
N PHE B 221 -13.99 25.02 -20.77
CA PHE B 221 -13.40 26.36 -20.71
C PHE B 221 -14.45 27.42 -20.39
N ASP B 222 -15.71 27.15 -20.74
CA ASP B 222 -16.79 28.09 -20.47
C ASP B 222 -17.32 28.01 -19.04
N LEU B 223 -17.04 26.89 -18.36
CA LEU B 223 -17.53 26.68 -16.99
C LEU B 223 -17.22 27.85 -16.08
N PHE B 224 -18.10 28.08 -15.11
CA PHE B 224 -17.86 29.04 -14.03
C PHE B 224 -17.58 30.44 -14.56
N ASP B 225 -18.45 30.90 -15.46
CA ASP B 225 -18.37 32.24 -16.04
C ASP B 225 -17.09 32.40 -16.87
N GLY B 226 -16.73 31.36 -17.61
CA GLY B 226 -15.61 31.44 -18.54
C GLY B 226 -14.25 31.43 -17.85
N LEU B 227 -14.08 30.51 -16.91
CA LEU B 227 -12.86 30.42 -16.12
C LEU B 227 -11.63 30.20 -17.01
N GLY B 228 -11.82 29.54 -18.14
CA GLY B 228 -10.75 29.26 -19.06
C GLY B 228 -10.70 30.24 -20.23
N ARG B 229 -11.44 31.34 -20.11
CA ARG B 229 -11.51 32.35 -21.17
C ARG B 229 -10.78 33.64 -20.77
N HIS B 230 -9.66 33.50 -20.07
CA HIS B 230 -8.83 34.64 -19.71
C HIS B 230 -8.26 35.31 -20.98
N PRO B 231 -8.24 36.65 -21.03
CA PRO B 231 -7.79 37.38 -22.23
C PRO B 231 -6.44 36.95 -22.83
N GLY B 232 -5.60 36.28 -22.06
CA GLY B 232 -4.30 35.85 -22.57
C GLY B 232 -4.32 34.51 -23.29
N MSE B 233 -5.46 33.83 -23.26
CA MSE B 233 -5.56 32.46 -23.74
C MSE B 233 -5.54 32.36 -25.26
O MSE B 233 -6.10 33.22 -25.94
CB MSE B 233 -6.83 31.81 -23.20
CG MSE B 233 -6.80 31.60 -21.69
SE MSE B 233 -5.53 30.22 -21.16
CE MSE B 233 -6.77 28.73 -20.94
H MSE B 233 -6.20 34.15 -22.95
HA MSE B 233 -4.80 31.95 -23.39
HB2 MSE B 233 -7.59 32.37 -23.41
HB3 MSE B 233 -6.94 30.94 -23.61
HG2 MSE B 233 -6.53 32.44 -21.26
HG3 MSE B 233 -7.67 31.33 -21.38
HE1 MSE B 233 -6.27 27.95 -20.67
HE2 MSE B 233 -7.41 28.97 -20.26
HE3 MSE B 233 -7.22 28.57 -21.78
N ASN B 234 -4.90 31.31 -25.76
CA ASN B 234 -4.80 31.08 -27.20
C ASN B 234 -5.80 30.04 -27.68
N PRO B 235 -6.20 30.13 -28.97
CA PRO B 235 -7.10 29.12 -29.52
C PRO B 235 -6.46 27.74 -29.61
N LEU B 236 -7.20 26.72 -29.20
CA LEU B 236 -6.75 25.34 -29.31
C LEU B 236 -6.96 24.80 -30.72
N PHE B 237 -7.82 25.48 -31.48
CA PHE B 237 -8.31 24.95 -32.75
C PHE B 237 -7.87 25.78 -33.96
N GLY B 238 -7.56 25.09 -35.06
CA GLY B 238 -7.11 25.74 -36.29
C GLY B 238 -5.96 25.05 -36.98
N LEU B 239 -5.54 23.90 -36.45
CA LEU B 239 -4.47 23.12 -37.07
C LEU B 239 -4.81 22.76 -38.50
N LYS B 240 -3.94 23.13 -39.43
CA LYS B 240 -4.13 22.86 -40.85
C LYS B 240 -3.22 21.73 -41.31
N LEU B 241 -3.81 20.68 -41.87
CA LEU B 241 -3.08 19.46 -42.20
C LEU B 241 -2.72 19.35 -43.68
N ARG B 242 -1.79 18.46 -43.97
CA ARG B 242 -1.32 18.22 -45.32
C ARG B 242 -1.80 16.87 -45.83
N GLU B 243 -1.76 16.70 -47.14
CA GLU B 243 -2.16 15.47 -47.81
C GLU B 243 -1.60 14.21 -47.14
N GLY B 244 -0.32 14.23 -46.80
CA GLY B 244 0.34 13.07 -46.22
C GLY B 244 0.21 12.93 -44.70
N ASP B 245 -0.41 13.89 -44.04
CA ASP B 245 -0.58 13.81 -42.59
C ASP B 245 -1.52 12.66 -42.22
N PRO B 246 -1.43 12.18 -40.97
CA PRO B 246 -2.41 11.18 -40.52
C PRO B 246 -3.77 11.82 -40.28
N GLU B 247 -4.85 11.08 -40.50
CA GLU B 247 -6.17 11.56 -40.14
C GLU B 247 -6.18 11.93 -38.66
N PRO B 248 -6.65 13.15 -38.31
CA PRO B 248 -6.54 13.61 -36.93
C PRO B 248 -7.44 12.85 -35.93
N PHE B 249 -8.57 12.34 -36.40
CA PHE B 249 -9.47 11.59 -35.52
C PHE B 249 -10.34 10.63 -36.31
N VAL B 250 -10.96 9.68 -35.62
CA VAL B 250 -11.84 8.73 -36.29
C VAL B 250 -13.13 9.44 -36.69
N ARG B 251 -13.45 9.35 -37.99
CA ARG B 251 -14.71 9.88 -38.51
C ARG B 251 -15.67 8.73 -38.77
N GLN B 252 -16.60 8.51 -37.85
CA GLN B 252 -17.47 7.35 -37.96
C GLN B 252 -18.82 7.53 -37.26
N THR B 253 -19.87 7.02 -37.91
CA THR B 253 -21.21 6.95 -37.35
C THR B 253 -21.73 5.52 -37.52
N GLY B 254 -22.48 4.98 -36.57
CA GLY B 254 -22.61 5.48 -35.22
C GLY B 254 -23.67 4.68 -34.48
N PRO B 255 -23.64 3.33 -34.59
CA PRO B 255 -24.71 2.58 -33.96
C PRO B 255 -24.56 2.47 -32.45
N ASN C 4 -14.20 23.78 25.34
CA ASN C 4 -13.03 24.63 25.11
C ASN C 4 -12.65 25.41 26.36
N ASN C 5 -11.61 25.01 27.11
CA ASN C 5 -10.72 23.89 26.80
C ASN C 5 -11.32 22.55 27.23
N THR C 6 -12.20 22.01 26.40
CA THR C 6 -12.99 20.84 26.77
C THR C 6 -13.46 20.07 25.54
N ILE C 7 -13.30 18.75 25.59
CA ILE C 7 -13.79 17.86 24.54
C ILE C 7 -14.70 16.80 25.16
N THR C 8 -15.83 16.53 24.50
CA THR C 8 -16.74 15.51 24.96
C THR C 8 -16.21 14.13 24.54
N LEU C 9 -16.31 13.17 25.45
CA LEU C 9 -15.87 11.80 25.17
C LEU C 9 -16.95 10.81 25.58
N TYR C 10 -17.39 9.99 24.63
CA TYR C 10 -18.32 8.91 24.94
C TYR C 10 -17.53 7.71 25.45
N ASP C 11 -17.75 7.42 26.73
CA ASP C 11 -16.99 6.42 27.47
C ASP C 11 -17.62 5.03 27.30
N LEU C 12 -16.87 4.01 27.70
CA LEU C 12 -17.42 2.67 27.82
C LEU C 12 -17.06 2.16 29.22
N GLN C 13 -18.07 2.16 30.10
CA GLN C 13 -17.84 1.99 31.53
C GLN C 13 -18.47 0.72 32.09
N LEU C 14 -17.86 0.22 33.16
CA LEU C 14 -18.43 -0.85 33.97
C LEU C 14 -19.33 -0.24 35.04
N GLU C 15 -19.93 -1.09 35.87
CA GLU C 15 -20.89 -0.61 36.87
C GLU C 15 -20.26 0.36 37.85
N SER C 16 -18.97 0.17 38.13
CA SER C 16 -18.25 1.04 39.04
C SER C 16 -17.99 2.43 38.44
N GLY C 17 -18.28 2.58 37.15
CA GLY C 17 -18.01 3.82 36.45
C GLY C 17 -16.62 3.82 35.87
N CYS C 18 -15.91 2.72 36.09
CA CYS C 18 -14.56 2.55 35.59
C CYS C 18 -14.54 2.12 34.12
N THR C 19 -13.71 2.77 33.32
CA THR C 19 -13.58 2.44 31.90
C THR C 19 -13.03 1.03 31.71
N ILE C 20 -13.58 0.31 30.74
CA ILE C 20 -13.13 -1.05 30.43
C ILE C 20 -12.45 -1.15 29.07
N SER C 21 -12.98 -0.44 28.06
CA SER C 21 -12.44 -0.53 26.71
C SER C 21 -11.03 0.05 26.61
N PRO C 22 -10.07 -0.75 26.10
CA PRO C 22 -8.71 -0.19 25.96
C PRO C 22 -8.69 0.94 24.95
N TYR C 23 -9.58 0.87 23.96
CA TYR C 23 -9.67 1.92 22.95
C TYR C 23 -10.07 3.25 23.56
N VAL C 24 -10.95 3.21 24.55
CA VAL C 24 -11.38 4.41 25.27
C VAL C 24 -10.28 4.87 26.22
N TRP C 25 -9.61 3.91 26.86
CA TRP C 25 -8.52 4.23 27.77
C TRP C 25 -7.42 5.05 27.10
N ARG C 26 -6.94 4.59 25.94
CA ARG C 26 -5.84 5.28 25.30
C ARG C 26 -6.30 6.64 24.78
N THR C 27 -7.59 6.75 24.45
CA THR C 27 -8.15 8.02 24.01
C THR C 27 -8.20 9.02 25.18
N LYS C 28 -8.65 8.56 26.34
CA LYS C 28 -8.62 9.40 27.54
C LYS C 28 -7.20 9.92 27.79
N TYR C 29 -6.23 9.01 27.72
CA TYR C 29 -4.84 9.37 27.96
C TYR C 29 -4.33 10.35 26.89
N ALA C 30 -4.76 10.18 25.66
CA ALA C 30 -4.34 11.07 24.58
C ALA C 30 -4.92 12.48 24.77
N LEU C 31 -6.15 12.56 25.26
CA LEU C 31 -6.78 13.85 25.51
C LEU C 31 -6.08 14.62 26.62
N LYS C 32 -5.75 13.95 27.72
CA LYS C 32 -5.05 14.59 28.83
C LYS C 32 -3.60 14.93 28.44
N HIS C 33 -3.00 14.10 27.58
CA HIS C 33 -1.66 14.36 27.05
C HIS C 33 -1.67 15.68 26.29
N LYS C 34 -2.77 15.94 25.58
CA LYS C 34 -2.93 17.18 24.84
C LYS C 34 -3.38 18.32 25.76
N GLY C 35 -3.68 17.99 27.01
CA GLY C 35 -4.01 19.00 28.00
C GLY C 35 -5.45 19.48 27.96
N PHE C 36 -6.34 18.64 27.45
CA PHE C 36 -7.77 18.97 27.42
C PHE C 36 -8.47 18.46 28.67
N ASP C 37 -9.59 19.10 29.00
CA ASP C 37 -10.50 18.55 30.00
C ASP C 37 -11.55 17.72 29.28
N ILE C 38 -11.96 16.63 29.89
CA ILE C 38 -12.87 15.69 29.25
C ILE C 38 -14.28 15.81 29.80
N ASP C 39 -15.24 16.01 28.90
CA ASP C 39 -16.65 15.95 29.27
C ASP C 39 -17.14 14.52 29.00
N ILE C 40 -17.13 13.71 30.04
CA ILE C 40 -17.42 12.29 29.89
C ILE C 40 -18.91 12.03 29.78
N VAL C 41 -19.28 11.26 28.76
CA VAL C 41 -20.63 10.73 28.62
C VAL C 41 -20.59 9.27 29.03
N PRO C 42 -21.20 8.94 30.18
CA PRO C 42 -21.13 7.53 30.60
C PRO C 42 -22.01 6.65 29.72
N GLY C 43 -21.68 5.36 29.67
CA GLY C 43 -22.44 4.42 28.88
C GLY C 43 -21.74 3.08 28.87
N GLY C 44 -22.50 2.03 28.58
CA GLY C 44 -21.97 0.68 28.55
C GLY C 44 -21.95 0.10 27.15
N PHE C 45 -22.09 -1.22 27.07
CA PHE C 45 -21.96 -1.93 25.79
C PHE C 45 -23.21 -1.81 24.93
N THR C 46 -24.37 -1.66 25.57
CA THR C 46 -25.64 -1.62 24.84
C THR C 46 -26.10 -0.18 24.61
N GLY C 47 -26.88 0.02 23.55
CA GLY C 47 -27.47 1.31 23.27
C GLY C 47 -26.47 2.40 22.88
N ILE C 48 -25.35 2.01 22.30
CA ILE C 48 -24.34 3.00 21.89
C ILE C 48 -24.85 3.81 20.70
N LEU C 49 -25.52 3.14 19.77
CA LEU C 49 -26.05 3.83 18.59
C LEU C 49 -27.04 4.90 19.02
N GLU C 50 -27.98 4.54 19.88
CA GLU C 50 -28.95 5.48 20.41
C GLU C 50 -28.30 6.62 21.20
N ARG C 51 -27.27 6.29 21.97
CA ARG C 51 -26.62 7.29 22.82
C ARG C 51 -25.92 8.36 22.00
N THR C 52 -25.25 7.95 20.93
CA THR C 52 -24.75 8.89 19.94
C THR C 52 -25.95 9.28 19.09
N GLY C 53 -25.80 10.26 18.20
CA GLY C 53 -26.93 10.73 17.42
C GLY C 53 -27.25 9.80 16.25
N GLY C 54 -27.15 8.50 16.47
CA GLY C 54 -27.21 7.54 15.39
C GLY C 54 -25.94 7.60 14.56
N ARG C 55 -24.91 8.22 15.12
CA ARG C 55 -23.68 8.49 14.39
C ARG C 55 -22.66 7.35 14.47
N SER C 56 -22.76 6.54 15.51
CA SER C 56 -21.75 5.51 15.76
C SER C 56 -22.30 4.34 16.54
N GLU C 57 -21.92 3.13 16.13
CA GLU C 57 -22.28 1.92 16.85
C GLU C 57 -21.14 1.55 17.81
N ARG C 58 -20.03 2.26 17.70
CA ARG C 58 -18.83 1.98 18.50
C ARG C 58 -18.36 3.21 19.26
N VAL C 59 -17.64 2.98 20.35
CA VAL C 59 -16.94 4.03 21.07
C VAL C 59 -15.46 3.62 21.14
N PRO C 60 -14.55 4.59 21.38
CA PRO C 60 -14.77 6.00 21.72
C PRO C 60 -15.17 6.88 20.56
N VAL C 61 -15.93 7.92 20.90
CA VAL C 61 -16.29 8.99 19.99
C VAL C 61 -16.09 10.29 20.76
N ILE C 62 -15.54 11.29 20.09
CA ILE C 62 -15.41 12.60 20.72
C ILE C 62 -16.18 13.64 19.94
N VAL C 63 -16.60 14.68 20.65
CA VAL C 63 -17.15 15.87 20.03
C VAL C 63 -16.27 17.04 20.42
N ASP C 64 -15.63 17.64 19.41
CA ASP C 64 -14.77 18.79 19.62
C ASP C 64 -15.49 20.02 19.09
N ASP C 65 -15.86 20.92 19.99
CA ASP C 65 -16.78 22.01 19.69
C ASP C 65 -18.09 21.45 19.14
N GLY C 66 -18.07 21.02 17.89
CA GLY C 66 -19.24 20.38 17.28
C GLY C 66 -18.87 19.30 16.27
N GLU C 67 -17.58 19.01 16.16
CA GLU C 67 -17.10 18.03 15.20
C GLU C 67 -17.00 16.65 15.83
N TRP C 68 -17.69 15.69 15.24
CA TRP C 68 -17.68 14.31 15.74
C TRP C 68 -16.54 13.52 15.10
N VAL C 69 -15.82 12.76 15.93
CA VAL C 69 -14.67 11.98 15.47
C VAL C 69 -14.74 10.56 16.01
N LEU C 70 -14.75 9.59 15.10
CA LEU C 70 -14.90 8.18 15.46
C LEU C 70 -13.59 7.43 15.36
N ASP C 71 -13.48 6.33 16.11
CA ASP C 71 -12.30 5.44 16.13
C ASP C 71 -11.12 6.05 16.87
N SER C 72 -10.60 5.33 17.87
CA SER C 72 -9.56 5.84 18.75
C SER C 72 -8.29 6.24 18.00
N TRP C 73 -7.92 5.46 16.98
CA TRP C 73 -6.73 5.76 16.20
C TRP C 73 -6.92 7.06 15.42
N VAL C 74 -8.07 7.19 14.77
CA VAL C 74 -8.37 8.38 13.99
C VAL C 74 -8.44 9.61 14.90
N ILE C 75 -8.91 9.42 16.13
CA ILE C 75 -9.01 10.51 17.08
C ILE C 75 -7.61 11.02 17.45
N ALA C 76 -6.68 10.10 17.68
CA ALA C 76 -5.32 10.49 18.04
C ALA C 76 -4.70 11.33 16.91
N GLU C 77 -4.89 10.88 15.68
CA GLU C 77 -4.34 11.57 14.53
C GLU C 77 -5.00 12.94 14.36
N TYR C 78 -6.30 12.99 14.66
CA TYR C 78 -7.05 14.24 14.62
C TYR C 78 -6.48 15.25 15.61
N LEU C 79 -6.16 14.79 16.81
CA LEU C 79 -5.65 15.68 17.85
C LEU C 79 -4.30 16.26 17.43
N ASP C 80 -3.44 15.42 16.85
CA ASP C 80 -2.14 15.88 16.38
C ASP C 80 -2.26 16.82 15.19
N GLU C 81 -3.20 16.52 14.29
CA GLU C 81 -3.41 17.35 13.12
C GLU C 81 -3.98 18.72 13.49
N LYS C 82 -5.00 18.73 14.34
CA LYS C 82 -5.70 19.96 14.67
C LYS C 82 -5.04 20.75 15.79
N TYR C 83 -4.26 20.08 16.63
CA TYR C 83 -3.57 20.74 17.74
C TYR C 83 -2.08 20.43 17.74
N PRO C 84 -1.36 20.89 16.71
CA PRO C 84 0.08 20.69 16.62
C PRO C 84 0.84 21.50 17.66
N ASP C 85 0.14 22.42 18.32
CA ASP C 85 0.74 23.29 19.33
C ASP C 85 0.70 22.66 20.72
N ARG C 86 -0.08 21.58 20.86
CA ARG C 86 -0.13 20.82 22.10
C ARG C 86 0.74 19.57 21.95
N PRO C 87 1.18 18.97 23.08
CA PRO C 87 2.10 17.83 23.07
C PRO C 87 1.73 16.75 22.05
N MSE C 88 2.69 16.37 21.22
CA MSE C 88 2.45 15.47 20.10
C MSE C 88 2.30 14.00 20.53
O MSE C 88 3.05 13.51 21.37
CB MSE C 88 3.59 15.58 19.08
CG MSE C 88 3.74 16.97 18.50
SE MSE C 88 2.17 17.53 17.49
CE MSE C 88 2.36 16.32 15.97
H MSE C 88 3.51 16.62 21.28
HA MSE C 88 1.63 15.73 19.65
HB2 MSE C 88 4.43 15.35 19.53
HB3 MSE C 88 3.42 14.97 18.35
HG2 MSE C 88 3.88 17.60 19.22
HG3 MSE C 88 4.50 16.98 17.89
HE1 MSE C 88 2.34 15.41 16.28
HE2 MSE C 88 1.62 16.48 15.34
HE3 MSE C 88 3.20 16.50 15.53
N LEU C 89 1.31 13.33 19.94
CA LEU C 89 1.01 11.93 20.24
C LEU C 89 1.90 10.97 19.44
N PHE C 90 2.16 11.33 18.18
CA PHE C 90 3.03 10.55 17.30
C PHE C 90 4.27 11.35 16.93
N GLU C 91 5.42 10.70 16.89
CA GLU C 91 6.64 11.37 16.47
C GLU C 91 6.87 11.17 14.98
N GLY C 92 6.08 10.31 14.35
CA GLY C 92 6.18 10.10 12.92
C GLY C 92 5.54 8.82 12.42
N PRO C 93 5.62 8.59 11.10
CA PRO C 93 4.99 7.41 10.46
C PRO C 93 5.60 6.10 10.91
N THR C 94 6.88 6.12 11.25
CA THR C 94 7.56 4.91 11.69
C THR C 94 7.01 4.43 13.03
N GLN C 95 6.74 5.36 13.95
CA GLN C 95 6.09 5.02 15.21
C GLN C 95 4.75 4.30 15.00
N LYS C 96 3.97 4.80 14.04
CA LYS C 96 2.65 4.24 13.78
C LYS C 96 2.75 2.78 13.35
N ASN C 97 3.66 2.48 12.42
CA ASN C 97 3.83 1.11 11.96
C ASN C 97 4.38 0.18 13.03
N LEU C 98 5.37 0.67 13.79
CA LEU C 98 6.00 -0.17 14.81
C LEU C 98 5.12 -0.28 16.07
N MSE C 99 4.28 0.73 16.30
CA MSE C 99 3.28 0.66 17.37
C MSE C 99 2.32 -0.49 17.13
O MSE C 99 1.97 -1.24 18.04
CB MSE C 99 2.46 1.94 17.44
CG MSE C 99 3.00 3.02 18.32
SE MSE C 99 1.68 4.44 18.25
CE MSE C 99 0.33 3.61 19.40
H MSE C 99 4.28 1.46 15.85
HA MSE C 99 3.73 0.54 18.21
HB2 MSE C 99 2.38 2.30 16.55
HB3 MSE C 99 1.58 1.70 17.77
HG2 MSE C 99 3.08 2.70 19.23
HG3 MSE C 99 3.84 3.35 17.97
HE1 MSE C 99 0.04 2.78 19.00
HE2 MSE C 99 0.71 3.45 20.27
HE3 MSE C 99 -0.43 4.21 19.47
N LYS C 100 1.87 -0.58 15.89
CA LYS C 100 0.89 -1.58 15.51
C LYS C 100 1.46 -2.98 15.70
N PHE C 101 2.75 -3.15 15.42
CA PHE C 101 3.37 -4.45 15.63
C PHE C 101 3.39 -4.81 17.11
N LEU C 102 3.76 -3.85 17.96
CA LEU C 102 3.83 -4.08 19.40
C LEU C 102 2.44 -4.33 19.97
N ASP C 103 1.49 -3.49 19.59
CA ASP C 103 0.12 -3.64 20.04
C ASP C 103 -0.46 -5.00 19.66
N ASN C 104 -0.24 -5.41 18.41
CA ASN C 104 -0.73 -6.70 17.94
C ASN C 104 -0.13 -7.85 18.77
N TRP C 105 1.14 -7.71 19.14
CA TRP C 105 1.83 -8.72 19.93
C TRP C 105 1.27 -8.74 21.35
N LEU C 106 1.03 -7.56 21.92
CA LEU C 106 0.45 -7.48 23.26
C LEU C 106 -0.93 -8.11 23.29
N TRP C 107 -1.70 -7.86 22.24
CA TRP C 107 -3.07 -8.38 22.16
C TRP C 107 -3.09 -9.90 22.05
N SER C 108 -2.14 -10.47 21.33
CA SER C 108 -2.07 -11.91 21.18
C SER C 108 -1.46 -12.58 22.40
N THR C 109 -0.50 -11.90 23.03
CA THR C 109 0.26 -12.48 24.13
C THR C 109 -0.40 -12.29 25.49
N ALA C 110 -0.99 -11.11 25.70
CA ALA C 110 -1.61 -10.75 26.98
C ALA C 110 -3.13 -10.78 26.94
N VAL C 111 -3.73 -10.00 26.03
CA VAL C 111 -5.19 -9.88 25.99
C VAL C 111 -5.87 -11.22 25.71
N GLY C 112 -5.30 -11.98 24.77
CA GLY C 112 -5.84 -13.29 24.42
C GLY C 112 -6.09 -14.17 25.64
N PRO C 113 -5.01 -14.57 26.33
CA PRO C 113 -5.14 -15.45 27.49
C PRO C 113 -5.93 -14.83 28.64
N TRP C 114 -5.66 -13.57 28.96
CA TRP C 114 -6.32 -12.91 30.08
C TRP C 114 -7.82 -12.74 29.85
N PHE C 115 -8.23 -12.55 28.60
CA PHE C 115 -9.65 -12.46 28.24
C PHE C 115 -10.42 -13.68 28.71
N ARG C 116 -9.85 -14.87 28.50
CA ARG C 116 -10.50 -16.10 28.90
C ARG C 116 -10.44 -16.27 30.41
N CYS C 117 -9.39 -15.71 31.01
CA CYS C 117 -9.19 -15.82 32.45
C CYS C 117 -10.13 -14.91 33.25
N TYR C 118 -10.71 -13.90 32.61
CA TYR C 118 -11.49 -12.90 33.32
C TYR C 118 -12.84 -12.60 32.67
N ILE C 119 -13.30 -13.49 31.79
CA ILE C 119 -14.49 -13.21 31.00
C ILE C 119 -15.75 -13.16 31.86
N LEU C 120 -15.77 -13.91 32.96
CA LEU C 120 -16.89 -13.88 33.88
C LEU C 120 -16.87 -12.61 34.72
N ASP C 121 -15.68 -12.22 35.19
CA ASP C 121 -15.53 -10.98 35.94
C ASP C 121 -15.97 -9.81 35.08
N TYR C 122 -15.46 -9.79 33.86
CA TYR C 122 -15.91 -8.89 32.78
C TYR C 122 -17.44 -8.76 32.78
N HIS C 123 -18.11 -9.90 32.70
CA HIS C 123 -19.58 -9.94 32.68
C HIS C 123 -20.21 -9.42 33.98
N ASP C 124 -19.70 -9.88 35.12
CA ASP C 124 -20.32 -9.55 36.41
C ASP C 124 -20.11 -8.08 36.81
N LEU C 125 -19.00 -7.51 36.40
CA LEU C 125 -18.66 -6.13 36.74
C LEU C 125 -19.33 -5.11 35.84
N SER C 126 -19.90 -5.57 34.72
CA SER C 126 -20.49 -4.66 33.75
C SER C 126 -21.83 -4.12 34.26
N LEU C 127 -22.31 -3.06 33.62
CA LEU C 127 -23.59 -2.46 33.99
C LEU C 127 -24.70 -3.51 33.89
N PRO C 128 -25.71 -3.45 34.78
CA PRO C 128 -26.80 -4.43 34.76
C PRO C 128 -27.46 -4.60 33.39
N GLN C 129 -27.65 -3.49 32.68
CA GLN C 129 -28.34 -3.53 31.40
C GLN C 129 -27.46 -4.11 30.28
N ASP C 130 -26.22 -4.45 30.60
CA ASP C 130 -25.29 -5.01 29.62
C ASP C 130 -25.06 -6.50 29.79
N ARG C 131 -25.27 -7.00 31.00
CA ARG C 131 -24.82 -8.34 31.36
C ARG C 131 -25.44 -9.43 30.47
N ASP C 132 -26.73 -9.33 30.20
CA ASP C 132 -27.38 -10.27 29.31
C ASP C 132 -26.72 -10.23 27.93
N TYR C 133 -26.48 -9.02 27.42
CA TYR C 133 -25.84 -8.86 26.12
C TYR C 133 -24.44 -9.46 26.12
N VAL C 134 -23.63 -9.07 27.09
CA VAL C 134 -22.26 -9.58 27.19
C VAL C 134 -22.25 -11.10 27.25
N ARG C 135 -23.23 -11.67 27.94
CA ARG C 135 -23.33 -13.13 28.07
C ARG C 135 -23.46 -13.80 26.71
N TRP C 136 -24.65 -13.76 26.12
CA TRP C 136 -24.92 -14.51 24.89
C TRP C 136 -23.97 -14.11 23.77
N SER C 137 -23.55 -12.85 23.76
CA SER C 137 -22.65 -12.34 22.74
C SER C 137 -21.30 -13.01 22.84
N ARG C 138 -20.59 -12.74 23.92
CA ARG C 138 -19.25 -13.27 24.11
C ARG C 138 -19.23 -14.79 24.13
N GLU C 139 -20.34 -15.40 24.54
CA GLU C 139 -20.38 -16.85 24.70
C GLU C 139 -20.34 -17.63 23.39
N GLN C 140 -20.45 -16.96 22.25
CA GLN C 140 -20.32 -17.67 20.98
C GLN C 140 -19.89 -16.81 19.79
N TRP C 141 -20.19 -15.52 19.81
CA TRP C 141 -19.66 -14.63 18.76
C TRP C 141 -18.15 -14.58 18.92
N PHE C 142 -17.71 -14.37 20.16
CA PHE C 142 -16.36 -14.72 20.58
C PHE C 142 -16.48 -16.08 21.26
N LEU C 143 -15.36 -16.67 21.66
CA LEU C 143 -15.43 -17.89 22.47
C LEU C 143 -15.96 -19.07 21.65
N GLY C 144 -15.87 -20.27 22.21
CA GLY C 144 -16.21 -21.48 21.49
C GLY C 144 -17.69 -21.75 21.32
N GLY C 145 -18.48 -21.33 22.30
CA GLY C 145 -19.89 -21.67 22.34
C GLY C 145 -20.28 -22.08 23.76
N GLN C 146 -19.27 -22.40 24.56
CA GLN C 146 -19.47 -22.82 25.94
C GLN C 146 -19.74 -21.61 26.84
N ARG C 147 -19.97 -21.89 28.12
CA ARG C 147 -20.43 -20.86 29.07
C ARG C 147 -19.27 -20.12 29.76
N LEU C 148 -19.49 -18.84 30.06
CA LEU C 148 -18.48 -17.98 30.66
C LEU C 148 -17.87 -18.57 31.93
N GLU C 149 -18.70 -19.17 32.77
CA GLU C 149 -18.23 -19.79 33.99
C GLU C 149 -17.31 -20.98 33.69
N ASP C 150 -17.59 -21.68 32.59
CA ASP C 150 -16.77 -22.82 32.19
C ASP C 150 -15.43 -22.39 31.60
N VAL C 151 -15.39 -21.21 30.99
CA VAL C 151 -14.16 -20.72 30.38
C VAL C 151 -13.25 -20.09 31.43
N GLN C 152 -13.83 -19.29 32.32
CA GLN C 152 -13.04 -18.68 33.38
C GLN C 152 -12.59 -19.73 34.37
N ALA C 153 -13.31 -20.85 34.43
CA ALA C 153 -12.88 -21.99 35.23
C ALA C 153 -11.51 -22.43 34.77
N GLY C 154 -10.61 -22.67 35.72
CA GLY C 154 -9.28 -23.12 35.42
C GLY C 154 -8.23 -22.03 35.31
N ARG C 155 -8.62 -20.79 35.57
CA ARG C 155 -7.69 -19.66 35.39
C ARG C 155 -6.49 -19.71 36.33
N GLU C 156 -6.64 -20.39 37.47
CA GLU C 156 -5.54 -20.55 38.41
C GLU C 156 -4.40 -21.32 37.73
N ASP C 157 -4.74 -22.10 36.72
CA ASP C 157 -3.78 -22.94 36.03
C ASP C 157 -3.19 -22.24 34.81
N ARG C 158 -3.91 -21.26 34.29
CA ARG C 158 -3.52 -20.58 33.06
C ARG C 158 -2.71 -19.32 33.35
N LEU C 159 -3.08 -18.60 34.41
CA LEU C 159 -2.49 -17.30 34.70
C LEU C 159 -0.98 -17.36 34.95
N PRO C 160 -0.48 -18.42 35.59
CA PRO C 160 0.98 -18.51 35.77
C PRO C 160 1.77 -18.61 34.47
N LEU C 161 1.11 -18.97 33.38
CA LEU C 161 1.79 -19.20 32.11
C LEU C 161 2.03 -17.91 31.31
N VAL C 162 1.39 -16.82 31.69
CA VAL C 162 1.46 -15.58 30.90
C VAL C 162 2.71 -14.74 31.20
N PRO C 163 3.05 -14.51 32.49
CA PRO C 163 4.19 -13.64 32.81
C PRO C 163 5.49 -13.94 32.05
N PRO C 164 5.89 -15.22 31.94
CA PRO C 164 7.16 -15.48 31.24
C PRO C 164 7.14 -15.03 29.78
N THR C 165 5.98 -15.12 29.14
CA THR C 165 5.85 -14.77 27.73
C THR C 165 5.93 -13.26 27.50
N LEU C 166 5.87 -12.47 28.56
CA LEU C 166 5.91 -11.02 28.43
C LEU C 166 7.34 -10.47 28.42
N GLU C 167 8.33 -11.36 28.42
CA GLU C 167 9.71 -10.93 28.58
C GLU C 167 10.19 -9.99 27.46
N PRO C 168 9.79 -10.25 26.20
CA PRO C 168 10.22 -9.33 25.12
C PRO C 168 9.85 -7.87 25.36
N PHE C 169 8.72 -7.65 26.04
CA PHE C 169 8.29 -6.30 26.37
C PHE C 169 9.10 -5.75 27.55
N ARG C 170 9.36 -6.59 28.55
CA ARG C 170 10.23 -6.22 29.67
C ARG C 170 11.60 -5.77 29.18
N ARG C 171 12.08 -6.44 28.15
CA ARG C 171 13.42 -6.20 27.61
C ARG C 171 13.59 -4.76 27.12
N ILE C 172 12.53 -4.23 26.50
CA ILE C 172 12.51 -2.85 26.03
C ILE C 172 12.48 -1.88 27.20
N LEU C 173 11.56 -2.12 28.13
CA LEU C 173 11.31 -1.17 29.21
C LEU C 173 12.46 -1.11 30.19
N ALA C 174 13.37 -2.07 30.13
CA ALA C 174 14.53 -2.09 31.00
C ALA C 174 15.56 -1.05 30.57
N GLU C 175 15.46 -0.56 29.33
CA GLU C 175 16.43 0.38 28.78
C GLU C 175 15.82 1.74 28.43
N THR C 176 14.61 2.00 28.89
CA THR C 176 13.95 3.27 28.60
C THR C 176 12.89 3.55 29.66
N LYS C 177 12.68 4.83 29.97
CA LYS C 177 11.68 5.20 30.97
C LYS C 177 10.28 5.00 30.38
N TRP C 178 10.07 5.56 29.20
CA TRP C 178 8.82 5.42 28.46
C TRP C 178 9.09 4.91 27.04
N LEU C 179 8.07 4.38 26.38
CA LEU C 179 8.21 3.97 25.00
C LEU C 179 8.53 5.19 24.14
N GLY C 180 8.05 6.35 24.59
CA GLY C 180 8.35 7.60 23.93
C GLY C 180 9.69 8.21 24.34
N GLY C 181 10.41 7.56 25.23
CA GLY C 181 11.70 8.03 25.68
C GLY C 181 11.66 8.64 27.07
N ASP C 182 12.05 9.90 27.17
CA ASP C 182 12.08 10.59 28.47
C ASP C 182 10.68 11.00 28.91
N GLN C 183 9.78 11.13 27.95
CA GLN C 183 8.39 11.47 28.22
C GLN C 183 7.47 10.50 27.46
N PRO C 184 6.26 10.26 27.98
CA PRO C 184 5.35 9.32 27.33
C PRO C 184 4.63 9.91 26.10
N ASN C 185 4.22 9.04 25.18
CA ASN C 185 3.30 9.45 24.12
C ASN C 185 2.31 8.33 23.82
N PHE C 186 1.65 8.39 22.67
CA PHE C 186 0.58 7.46 22.33
C PHE C 186 1.06 6.01 22.27
N ALA C 187 2.36 5.81 22.04
CA ALA C 187 2.93 4.47 22.07
C ALA C 187 2.74 3.83 23.46
N ASP C 188 3.07 4.60 24.48
CA ASP C 188 2.85 4.18 25.87
C ASP C 188 1.37 4.00 26.17
N TYR C 189 0.54 4.93 25.70
CA TYR C 189 -0.88 4.94 26.06
C TYR C 189 -1.60 3.76 25.42
N SER C 190 -1.28 3.47 24.17
CA SER C 190 -1.82 2.30 23.49
C SER C 190 -1.41 1.00 24.19
N ALA C 191 -0.16 0.91 24.59
CA ALA C 191 0.33 -0.28 25.27
C ALA C 191 -0.24 -0.38 26.68
N LEU C 192 -0.28 0.75 27.38
CA LEU C 192 -0.80 0.80 28.74
C LEU C 192 -2.28 0.40 28.78
N ALA C 193 -3.01 0.73 27.72
CA ALA C 193 -4.43 0.43 27.63
C ALA C 193 -4.72 -1.07 27.80
N VAL C 194 -3.79 -1.91 27.37
CA VAL C 194 -3.92 -3.35 27.52
C VAL C 194 -3.99 -3.73 29.00
N PHE C 195 -3.20 -3.04 29.81
CA PHE C 195 -3.13 -3.35 31.23
C PHE C 195 -4.19 -2.59 32.03
N LEU C 196 -4.66 -1.48 31.48
CA LEU C 196 -5.76 -0.74 32.09
C LEU C 196 -7.08 -1.49 31.93
N TRP C 197 -7.28 -2.13 30.78
CA TRP C 197 -8.43 -2.99 30.59
C TRP C 197 -8.37 -4.15 31.59
N THR C 198 -7.18 -4.72 31.70
CA THR C 198 -6.96 -5.88 32.56
C THR C 198 -7.28 -5.54 34.01
N ALA C 199 -6.84 -4.36 34.44
CA ALA C 199 -7.05 -3.92 35.81
C ALA C 199 -8.54 -3.73 36.08
N SER C 200 -9.28 -3.35 35.06
CA SER C 200 -10.70 -3.07 35.21
C SER C 200 -11.52 -4.32 35.50
N VAL C 201 -11.08 -5.48 35.00
CA VAL C 201 -11.86 -6.71 35.12
C VAL C 201 -11.21 -7.85 35.92
N ALA C 202 -9.92 -7.72 36.25
CA ALA C 202 -9.21 -8.79 36.95
C ALA C 202 -9.52 -8.83 38.44
N ARG C 203 -10.36 -9.77 38.86
CA ARG C 203 -10.70 -9.89 40.27
C ARG C 203 -9.69 -10.78 41.01
N THR C 204 -8.70 -11.28 40.29
CA THR C 204 -7.50 -11.84 40.91
C THR C 204 -6.30 -11.39 40.07
N PRO C 205 -5.17 -11.07 40.73
CA PRO C 205 -4.06 -10.40 40.02
C PRO C 205 -3.34 -11.31 39.02
N PRO C 206 -3.05 -10.80 37.80
CA PRO C 206 -2.31 -11.55 36.79
C PRO C 206 -0.78 -11.48 36.86
N LEU C 207 -0.24 -10.57 37.66
CA LEU C 207 1.21 -10.37 37.73
C LEU C 207 1.74 -10.50 39.16
N THR C 208 2.98 -10.92 39.29
CA THR C 208 3.60 -11.04 40.60
C THR C 208 3.93 -9.65 41.14
N GLU C 209 4.04 -9.55 42.45
CA GLU C 209 4.26 -8.27 43.14
C GLU C 209 5.52 -7.54 42.65
N ASP C 210 6.55 -8.29 42.30
CA ASP C 210 7.85 -7.69 41.98
C ASP C 210 8.19 -7.78 40.49
N ASP C 211 7.17 -7.91 39.66
CA ASP C 211 7.36 -7.90 38.21
C ASP C 211 8.02 -6.58 37.80
N PRO C 212 9.10 -6.64 36.99
CA PRO C 212 9.78 -5.41 36.54
C PRO C 212 8.85 -4.46 35.78
N LEU C 213 7.78 -4.99 35.21
CA LEU C 213 6.81 -4.16 34.51
C LEU C 213 6.11 -3.17 35.43
N ARG C 214 6.13 -3.44 36.73
CA ARG C 214 5.40 -2.62 37.68
C ARG C 214 5.83 -1.15 37.66
N ASP C 215 7.11 -0.90 37.38
CA ASP C 215 7.63 0.46 37.37
C ASP C 215 6.89 1.33 36.33
N TRP C 216 6.92 0.87 35.09
CA TRP C 216 6.23 1.54 33.99
C TRP C 216 4.72 1.56 34.23
N LEU C 217 4.19 0.45 34.73
CA LEU C 217 2.75 0.32 34.92
C LEU C 217 2.22 1.28 35.98
N ASP C 218 2.88 1.35 37.13
CA ASP C 218 2.43 2.25 38.18
C ASP C 218 2.61 3.71 37.76
N ARG C 219 3.71 4.01 37.07
CA ARG C 219 3.94 5.36 36.57
C ARG C 219 2.88 5.74 35.55
N GLY C 220 2.54 4.81 34.66
CA GLY C 220 1.50 5.02 33.68
C GLY C 220 0.13 5.25 34.28
N PHE C 221 -0.22 4.47 35.31
CA PHE C 221 -1.53 4.58 35.94
C PHE C 221 -1.65 5.88 36.74
N ASP C 222 -0.52 6.38 37.24
CA ASP C 222 -0.51 7.60 38.04
C ASP C 222 -0.50 8.87 37.18
N LEU C 223 -0.30 8.73 35.87
CA LEU C 223 -0.23 9.88 34.97
C LEU C 223 -1.51 10.68 34.99
N PHE C 224 -1.38 11.99 34.81
CA PHE C 224 -2.50 12.90 34.71
C PHE C 224 -3.41 12.78 35.93
N ASP C 225 -2.78 12.77 37.11
CA ASP C 225 -3.49 12.77 38.39
C ASP C 225 -4.31 11.50 38.59
N GLY C 226 -3.69 10.36 38.31
CA GLY C 226 -4.29 9.07 38.61
C GLY C 226 -5.41 8.69 37.66
N LEU C 227 -5.19 8.93 36.38
CA LEU C 227 -6.19 8.62 35.36
C LEU C 227 -6.54 7.13 35.37
N GLY C 228 -5.55 6.31 35.72
CA GLY C 228 -5.74 4.88 35.87
C GLY C 228 -5.94 4.47 37.31
N ARG C 229 -6.35 5.42 38.15
CA ARG C 229 -6.61 5.14 39.56
C ARG C 229 -8.08 5.38 39.90
N HIS C 230 -8.96 5.05 38.97
CA HIS C 230 -10.40 5.13 39.21
C HIS C 230 -10.76 4.15 40.34
N PRO C 231 -11.62 4.59 41.28
CA PRO C 231 -11.95 3.78 42.47
C PRO C 231 -12.34 2.33 42.20
N GLY C 232 -13.04 2.10 41.10
CA GLY C 232 -13.70 0.83 40.86
C GLY C 232 -12.81 -0.41 40.77
N MSE C 233 -11.62 -0.27 40.20
CA MSE C 233 -10.93 -1.42 39.65
C MSE C 233 -9.75 -1.97 40.45
O MSE C 233 -9.42 -1.48 41.54
CB MSE C 233 -10.45 -1.09 38.24
CG MSE C 233 -9.52 0.08 38.14
SE MSE C 233 -9.24 0.41 36.26
CE MSE C 233 -8.31 2.11 36.41
H MSE C 233 -11.18 0.48 40.13
HA MSE C 233 -11.59 -2.13 39.56
HB2 MSE C 233 -10.00 -1.86 37.87
HB3 MSE C 233 -11.23 -0.89 37.69
HG2 MSE C 233 -9.93 0.86 38.54
HG3 MSE C 233 -8.68 -0.13 38.55
HE1 MSE C 233 -8.87 2.75 36.87
HE2 MSE C 233 -7.50 1.97 36.93
HE3 MSE C 233 -8.08 2.42 35.53
N ASN C 234 -9.14 -3.01 39.89
CA ASN C 234 -8.41 -3.99 40.66
C ASN C 234 -6.90 -3.93 40.52
N PRO C 235 -6.18 -4.46 41.52
CA PRO C 235 -4.72 -4.54 41.46
C PRO C 235 -4.23 -5.53 40.41
N LEU C 236 -3.15 -5.16 39.71
CA LEU C 236 -2.52 -6.06 38.75
C LEU C 236 -1.55 -7.01 39.43
N PHE C 237 -1.15 -6.68 40.65
CA PHE C 237 -0.05 -7.37 41.32
C PHE C 237 -0.48 -8.15 42.56
N GLY C 238 0.17 -9.31 42.77
CA GLY C 238 -0.16 -10.18 43.88
C GLY C 238 -0.30 -11.64 43.51
N LEU C 239 -0.02 -11.98 42.25
CA LEU C 239 -0.08 -13.36 41.81
C LEU C 239 0.88 -14.24 42.60
N LYS C 240 0.36 -15.34 43.15
CA LYS C 240 1.14 -16.29 43.93
C LYS C 240 1.41 -17.56 43.12
N LEU C 241 2.68 -17.96 43.05
CA LEU C 241 3.08 -19.09 42.23
C LEU C 241 3.39 -20.35 43.05
N ARG C 242 3.39 -21.48 42.36
CA ARG C 242 3.76 -22.77 42.95
C ARG C 242 5.13 -23.16 42.43
N GLU C 243 5.83 -24.05 43.12
CA GLU C 243 7.20 -24.39 42.74
C GLU C 243 7.29 -24.99 41.33
N GLY C 244 6.20 -25.59 40.85
CA GLY C 244 6.18 -26.15 39.51
C GLY C 244 5.88 -25.14 38.41
N ASP C 245 5.56 -23.91 38.78
CA ASP C 245 5.26 -22.87 37.80
C ASP C 245 6.53 -22.33 37.16
N PRO C 246 6.43 -21.75 35.96
CA PRO C 246 7.61 -21.12 35.36
C PRO C 246 8.03 -19.86 36.11
N GLU C 247 9.31 -19.52 36.07
CA GLU C 247 9.75 -18.24 36.59
C GLU C 247 8.99 -17.14 35.87
N PRO C 248 8.41 -16.18 36.62
CA PRO C 248 7.56 -15.17 35.98
C PRO C 248 8.32 -14.19 35.09
N PHE C 249 9.60 -14.01 35.36
CA PHE C 249 10.42 -13.09 34.57
C PHE C 249 11.90 -13.38 34.77
N VAL C 250 12.71 -12.90 33.83
CA VAL C 250 14.15 -13.10 33.91
C VAL C 250 14.71 -12.24 35.03
N ARG C 251 15.37 -12.90 35.98
CA ARG C 251 16.02 -12.23 37.09
C ARG C 251 17.53 -12.20 36.85
N GLN C 252 18.00 -11.06 36.36
CA GLN C 252 19.38 -10.95 35.93
C GLN C 252 19.93 -9.53 36.00
N THR C 253 21.19 -9.44 36.41
CA THR C 253 21.93 -8.19 36.46
C THR C 253 23.28 -8.46 35.80
N GLY C 254 23.85 -7.51 35.06
CA GLY C 254 23.23 -6.28 34.64
C GLY C 254 24.24 -5.24 34.16
N PRO C 255 25.22 -5.63 33.32
CA PRO C 255 26.06 -4.55 32.79
C PRO C 255 25.35 -3.79 31.67
N ASN D 4 35.51 12.16 1.33
CA ASN D 4 34.73 13.28 0.79
C ASN D 4 34.39 13.05 -0.68
N ASN D 5 33.17 12.59 -1.01
CA ASN D 5 32.02 12.37 -0.12
C ASN D 5 31.99 10.89 0.28
N THR D 6 33.03 10.48 1.00
CA THR D 6 33.36 9.06 1.14
C THR D 6 33.58 8.63 2.59
N ILE D 7 33.07 7.45 2.93
CA ILE D 7 33.30 6.85 4.24
C ILE D 7 33.79 5.40 4.07
N THR D 8 34.78 5.02 4.87
CA THR D 8 35.35 3.69 4.79
C THR D 8 34.50 2.71 5.59
N LEU D 9 34.23 1.54 5.01
CA LEU D 9 33.49 0.51 5.72
C LEU D 9 34.23 -0.82 5.70
N TYR D 10 34.51 -1.36 6.88
CA TYR D 10 35.11 -2.68 7.00
C TYR D 10 34.02 -3.75 6.89
N ASP D 11 34.05 -4.47 5.77
CA ASP D 11 33.00 -5.41 5.41
C ASP D 11 33.22 -6.77 6.06
N LEU D 12 32.21 -7.63 5.94
CA LEU D 12 32.32 -9.03 6.35
C LEU D 12 31.67 -9.87 5.25
N GLN D 13 32.50 -10.37 4.35
CA GLN D 13 32.04 -10.97 3.11
C GLN D 13 32.23 -12.48 3.04
N LEU D 14 31.43 -13.11 2.18
CA LEU D 14 31.61 -14.51 1.84
C LEU D 14 32.61 -14.63 0.70
N GLU D 15 32.90 -15.87 0.30
CA GLU D 15 33.87 -16.09 -0.77
C GLU D 15 33.48 -15.38 -2.06
N SER D 16 32.18 -15.24 -2.28
CA SER D 16 31.65 -14.60 -3.48
C SER D 16 31.75 -13.08 -3.41
N GLY D 17 32.11 -12.55 -2.24
CA GLY D 17 32.16 -11.12 -2.03
C GLY D 17 30.90 -10.56 -1.40
N CYS D 18 29.85 -11.37 -1.34
CA CYS D 18 28.59 -10.95 -0.72
C CYS D 18 28.75 -10.73 0.78
N THR D 19 28.16 -9.64 1.27
CA THR D 19 28.09 -9.38 2.71
C THR D 19 27.22 -10.45 3.36
N ILE D 20 27.65 -10.98 4.49
CA ILE D 20 26.85 -11.96 5.23
C ILE D 20 26.26 -11.34 6.49
N SER D 21 27.07 -10.61 7.25
CA SER D 21 26.63 -10.05 8.52
C SER D 21 25.43 -9.11 8.37
N PRO D 22 24.34 -9.39 9.09
CA PRO D 22 23.22 -8.43 9.02
C PRO D 22 23.60 -7.07 9.61
N TYR D 23 24.51 -7.04 10.57
CA TYR D 23 24.94 -5.77 11.15
C TYR D 23 25.65 -4.94 10.09
N VAL D 24 26.48 -5.59 9.29
CA VAL D 24 27.13 -4.91 8.18
C VAL D 24 26.09 -4.50 7.12
N TRP D 25 25.11 -5.37 6.86
CA TRP D 25 24.11 -5.06 5.85
C TRP D 25 23.40 -3.75 6.17
N ARG D 26 22.94 -3.57 7.40
CA ARG D 26 22.15 -2.37 7.68
C ARG D 26 23.03 -1.12 7.75
N THR D 27 24.34 -1.32 7.92
CA THR D 27 25.28 -0.21 7.88
C THR D 27 25.51 0.30 6.45
N LYS D 28 25.64 -0.58 5.45
CA LYS D 28 25.79 -0.05 4.10
C LYS D 28 24.51 0.64 3.67
N TYR D 29 23.35 0.11 4.06
CA TYR D 29 22.08 0.75 3.71
C TYR D 29 21.99 2.12 4.37
N ALA D 30 22.39 2.20 5.63
CA ALA D 30 22.41 3.47 6.36
C ALA D 30 23.33 4.47 5.68
N LEU D 31 24.49 4.01 5.21
CA LEU D 31 25.45 4.89 4.54
C LEU D 31 24.90 5.41 3.22
N LYS D 32 24.25 4.54 2.46
CA LYS D 32 23.71 4.93 1.15
C LYS D 32 22.47 5.82 1.33
N HIS D 33 21.71 5.54 2.37
CA HIS D 33 20.55 6.35 2.76
C HIS D 33 21.01 7.78 3.01
N LYS D 34 22.18 7.91 3.63
CA LYS D 34 22.77 9.22 3.92
C LYS D 34 23.40 9.87 2.68
N GLY D 35 23.60 9.07 1.63
CA GLY D 35 24.10 9.59 0.36
C GLY D 35 25.60 9.50 0.19
N PHE D 36 26.26 8.74 1.06
CA PHE D 36 27.71 8.59 1.01
C PHE D 36 28.15 7.53 0.02
N ASP D 37 29.32 7.73 -0.56
CA ASP D 37 30.03 6.66 -1.26
C ASP D 37 30.82 5.86 -0.24
N ILE D 38 30.88 4.55 -0.42
CA ILE D 38 31.52 3.65 0.55
C ILE D 38 32.82 3.08 0.01
N ASP D 39 33.93 3.36 0.69
CA ASP D 39 35.17 2.64 0.45
C ASP D 39 35.14 1.32 1.20
N ILE D 40 34.83 0.24 0.50
CA ILE D 40 34.72 -1.06 1.13
C ILE D 40 36.09 -1.67 1.36
N VAL D 41 36.36 -2.06 2.61
CA VAL D 41 37.53 -2.85 2.94
C VAL D 41 37.10 -4.32 2.99
N PRO D 42 37.58 -5.14 2.04
CA PRO D 42 37.14 -6.54 2.03
C PRO D 42 37.74 -7.34 3.19
N GLY D 43 37.20 -8.54 3.40
CA GLY D 43 37.65 -9.40 4.47
C GLY D 43 36.52 -10.25 5.01
N GLY D 44 36.86 -11.32 5.73
CA GLY D 44 35.88 -12.23 6.29
C GLY D 44 35.93 -12.30 7.80
N PHE D 45 35.66 -13.49 8.34
CA PHE D 45 35.55 -13.67 9.79
C PHE D 45 36.91 -13.61 10.51
N THR D 46 37.95 -14.12 9.85
CA THR D 46 39.27 -14.17 10.47
C THR D 46 40.12 -12.97 10.10
N GLY D 47 40.98 -12.54 11.02
CA GLY D 47 41.94 -11.48 10.77
C GLY D 47 41.40 -10.07 10.94
N ILE D 48 40.28 -9.92 11.65
CA ILE D 48 39.67 -8.60 11.83
C ILE D 48 40.55 -7.69 12.69
N LEU D 49 41.19 -8.26 13.70
CA LEU D 49 42.06 -7.47 14.57
C LEU D 49 43.21 -6.90 13.74
N GLU D 50 43.68 -7.69 12.79
CA GLU D 50 44.78 -7.29 11.91
C GLU D 50 44.33 -6.31 10.82
N ARG D 51 43.18 -6.55 10.22
CA ARG D 51 42.69 -5.68 9.16
C ARG D 51 42.50 -4.26 9.69
N THR D 52 41.98 -4.17 10.91
CA THR D 52 41.85 -2.88 11.58
C THR D 52 43.16 -2.60 12.27
N GLY D 53 43.31 -1.42 12.87
CA GLY D 53 44.57 -1.05 13.49
C GLY D 53 44.82 -1.75 14.82
N GLY D 54 44.16 -2.89 15.03
CA GLY D 54 44.10 -3.50 16.34
C GLY D 54 43.02 -2.80 17.15
N ARG D 55 42.11 -2.13 16.44
CA ARG D 55 41.12 -1.27 17.06
C ARG D 55 39.83 -2.02 17.37
N SER D 56 39.56 -3.09 16.64
CA SER D 56 38.31 -3.84 16.82
C SER D 56 38.46 -5.31 16.49
N GLU D 57 37.82 -6.13 17.32
CA GLU D 57 37.72 -7.57 17.07
C GLU D 57 36.47 -7.87 16.24
N ARG D 58 35.70 -6.84 15.92
CA ARG D 58 34.44 -7.03 15.20
C ARG D 58 34.22 -6.00 14.10
N VAL D 59 33.29 -6.32 13.23
CA VAL D 59 32.83 -5.43 12.17
C VAL D 59 31.30 -5.52 12.16
N PRO D 60 30.61 -4.51 11.62
CA PRO D 60 31.14 -3.35 10.89
C PRO D 60 31.90 -2.33 11.74
N VAL D 61 32.84 -1.69 11.07
CA VAL D 61 33.54 -0.54 11.56
C VAL D 61 33.55 0.46 10.41
N ILE D 62 33.33 1.73 10.70
CA ILE D 62 33.55 2.77 9.69
C ILE D 62 34.63 3.73 10.17
N VAL D 63 35.28 4.36 9.19
CA VAL D 63 36.21 5.43 9.46
C VAL D 63 35.73 6.63 8.68
N ASP D 64 35.39 7.70 9.39
CA ASP D 64 34.91 8.92 8.77
C ASP D 64 36.03 9.96 8.92
N ASP D 65 36.79 10.12 7.84
CA ASP D 65 38.08 10.82 7.88
C ASP D 65 39.05 10.00 8.75
N GLY D 66 39.31 10.47 9.97
CA GLY D 66 40.13 9.71 10.91
C GLY D 66 39.32 9.24 12.10
N GLU D 67 38.00 9.35 12.00
CA GLU D 67 37.09 9.03 13.10
C GLU D 67 36.57 7.59 12.99
N TRP D 68 37.04 6.71 13.86
CA TRP D 68 36.66 5.30 13.83
C TRP D 68 35.36 5.09 14.62
N VAL D 69 34.40 4.40 14.01
CA VAL D 69 33.10 4.19 14.65
C VAL D 69 32.71 2.71 14.64
N LEU D 70 32.47 2.16 15.84
CA LEU D 70 32.20 0.74 16.03
C LEU D 70 30.74 0.50 16.42
N ASP D 71 30.21 -0.65 15.99
CA ASP D 71 28.83 -1.11 16.25
C ASP D 71 27.79 -0.43 15.36
N SER D 72 27.04 -1.24 14.62
CA SER D 72 26.10 -0.74 13.61
C SER D 72 25.06 0.21 14.18
N TRP D 73 24.60 -0.03 15.40
CA TRP D 73 23.61 0.84 16.03
C TRP D 73 24.21 2.20 16.35
N VAL D 74 25.43 2.20 16.87
CA VAL D 74 26.14 3.42 17.19
C VAL D 74 26.43 4.21 15.92
N ILE D 75 26.80 3.49 14.87
CA ILE D 75 27.13 4.10 13.59
C ILE D 75 25.92 4.84 13.03
N ALA D 76 24.75 4.22 13.09
CA ALA D 76 23.51 4.87 12.65
C ALA D 76 23.26 6.15 13.44
N GLU D 77 23.42 6.08 14.76
CA GLU D 77 23.25 7.24 15.62
C GLU D 77 24.29 8.31 15.32
N TYR D 78 25.53 7.87 15.09
CA TYR D 78 26.61 8.76 14.73
C TYR D 78 26.30 9.51 13.44
N LEU D 79 25.77 8.80 12.44
CA LEU D 79 25.51 9.42 11.14
C LEU D 79 24.41 10.48 11.24
N ASP D 80 23.42 10.23 12.09
CA ASP D 80 22.32 11.17 12.29
C ASP D 80 22.79 12.38 13.09
N GLU D 81 23.64 12.15 14.08
CA GLU D 81 24.20 13.25 14.87
C GLU D 81 25.09 14.15 14.03
N LYS D 82 26.01 13.53 13.29
CA LYS D 82 27.04 14.28 12.56
C LYS D 82 26.54 14.85 11.24
N TYR D 83 25.49 14.26 10.69
CA TYR D 83 24.95 14.71 9.40
C TYR D 83 23.44 14.86 9.44
N PRO D 84 22.95 15.86 10.19
CA PRO D 84 21.51 16.13 10.29
C PRO D 84 20.94 16.75 9.01
N ASP D 85 21.82 17.15 8.09
CA ASP D 85 21.41 17.74 6.83
C ASP D 85 21.06 16.68 5.79
N ARG D 86 21.54 15.46 6.02
CA ARG D 86 21.29 14.34 5.12
C ARG D 86 20.14 13.51 5.69
N PRO D 87 19.45 12.73 4.82
CA PRO D 87 18.26 11.96 5.22
C PRO D 87 18.42 11.24 6.56
N MSE D 88 17.44 11.44 7.45
CA MSE D 88 17.53 10.92 8.81
C MSE D 88 17.22 9.44 8.91
O MSE D 88 16.29 8.93 8.28
CB MSE D 88 16.59 11.71 9.72
CG MSE D 88 16.90 13.20 9.80
SE MSE D 88 18.69 13.55 10.51
CE MSE D 88 18.40 13.09 12.38
H MSE D 88 16.72 11.88 7.28
HA MSE D 88 18.44 11.07 9.14
HB2 MSE D 88 15.68 11.62 9.40
HB3 MSE D 88 16.64 11.36 10.62
HG2 MSE D 88 16.86 13.58 8.90
HG3 MSE D 88 16.26 13.63 10.38
HE1 MSE D 88 17.70 13.66 12.74
HE2 MSE D 88 18.12 12.16 12.43
HE3 MSE D 88 19.22 13.22 12.87
N LEU D 89 17.99 8.75 9.73
CA LEU D 89 17.82 7.31 9.93
C LEU D 89 16.75 7.00 10.98
N PHE D 90 16.74 7.80 12.05
CA PHE D 90 15.71 7.69 13.09
C PHE D 90 14.86 8.95 13.11
N GLU D 91 13.57 8.80 13.41
CA GLU D 91 12.69 9.96 13.55
C GLU D 91 12.59 10.37 15.02
N GLY D 92 13.07 9.52 15.93
CA GLY D 92 13.04 9.85 17.34
C GLY D 92 13.26 8.68 18.27
N PRO D 93 13.14 8.92 19.59
CA PRO D 93 13.34 7.89 20.62
C PRO D 93 12.33 6.75 20.51
N THR D 94 11.11 7.06 20.08
CA THR D 94 10.07 6.05 20.03
C THR D 94 10.38 5.01 18.96
N GLN D 95 10.88 5.46 17.81
CA GLN D 95 11.30 4.53 16.78
C GLN D 95 12.34 3.57 17.33
N LYS D 96 13.31 4.10 18.06
CA LYS D 96 14.43 3.31 18.57
C LYS D 96 13.94 2.21 19.50
N ASN D 97 12.99 2.55 20.37
CA ASN D 97 12.47 1.57 21.31
C ASN D 97 11.67 0.48 20.59
N LEU D 98 10.80 0.88 19.66
CA LEU D 98 9.90 -0.06 19.00
C LEU D 98 10.58 -0.88 17.89
N MSE D 99 11.66 -0.37 17.32
CA MSE D 99 12.36 -1.15 16.31
C MSE D 99 13.25 -2.18 17.00
O MSE D 99 13.51 -3.25 16.46
CB MSE D 99 13.15 -0.25 15.35
CG MSE D 99 14.38 0.47 15.87
SE MSE D 99 15.15 1.53 14.38
CE MSE D 99 16.03 0.05 13.47
H MSE D 99 12.01 0.40 17.49
HA MSE D 99 11.70 -1.63 15.78
HB2 MSE D 99 13.46 -0.80 14.61
HB3 MSE D 99 12.54 0.43 15.01
HG2 MSE D 99 14.12 1.08 16.58
HG3 MSE D 99 15.03 -0.16 16.17
HE1 MSE D 99 15.36 -0.60 13.22
HE2 MSE D 99 16.49 0.39 12.69
HE3 MSE D 99 16.68 -0.36 14.08
N LYS D 100 13.67 -1.89 18.23
CA LYS D 100 14.38 -2.90 19.02
C LYS D 100 13.42 -4.07 19.30
N PHE D 101 12.16 -3.76 19.55
CA PHE D 101 11.16 -4.80 19.79
C PHE D 101 10.92 -5.64 18.54
N LEU D 102 10.75 -4.99 17.39
CA LEU D 102 10.55 -5.70 16.12
C LEU D 102 11.77 -6.56 15.78
N ASP D 103 12.95 -5.96 15.89
CA ASP D 103 14.20 -6.65 15.57
C ASP D 103 14.36 -7.88 16.46
N ASN D 104 14.13 -7.73 17.76
CA ASN D 104 14.22 -8.86 18.67
C ASN D 104 13.30 -10.01 18.26
N TRP D 105 12.10 -9.66 17.82
CA TRP D 105 11.12 -10.65 17.38
C TRP D 105 11.56 -11.34 16.09
N LEU D 106 12.11 -10.57 15.16
CA LEU D 106 12.60 -11.12 13.91
C LEU D 106 13.78 -12.08 14.14
N TRP D 107 14.67 -11.71 15.04
CA TRP D 107 15.83 -12.56 15.34
C TRP D 107 15.40 -13.86 16.02
N SER D 108 14.42 -13.79 16.92
CA SER D 108 13.89 -14.99 17.56
C SER D 108 13.09 -15.86 16.59
N THR D 109 12.29 -15.23 15.74
CA THR D 109 11.34 -15.95 14.89
C THR D 109 11.96 -16.43 13.58
N ALA D 110 12.83 -15.63 12.98
CA ALA D 110 13.39 -15.95 11.68
C ALA D 110 14.86 -16.40 11.75
N VAL D 111 15.71 -15.61 12.38
CA VAL D 111 17.15 -15.90 12.36
C VAL D 111 17.47 -17.19 13.09
N GLY D 112 16.86 -17.40 14.25
CA GLY D 112 17.10 -18.61 15.03
C GLY D 112 16.88 -19.89 14.24
N PRO D 113 15.66 -20.09 13.72
CA PRO D 113 15.35 -21.27 12.91
C PRO D 113 16.17 -21.36 11.62
N TRP D 114 16.31 -20.24 10.92
CA TRP D 114 17.02 -20.25 9.64
C TRP D 114 18.52 -20.45 9.84
N PHE D 115 19.06 -19.94 10.94
CA PHE D 115 20.47 -20.16 11.27
C PHE D 115 20.78 -21.65 11.27
N ARG D 116 19.90 -22.43 11.90
CA ARG D 116 20.09 -23.87 11.99
C ARG D 116 19.86 -24.55 10.65
N CYS D 117 18.97 -23.99 9.83
CA CYS D 117 18.68 -24.56 8.52
C CYS D 117 19.79 -24.30 7.51
N TYR D 118 20.64 -23.31 7.79
CA TYR D 118 21.63 -22.86 6.81
C TYR D 118 23.06 -22.77 7.34
N ILE D 119 23.33 -23.36 8.50
CA ILE D 119 24.64 -23.19 9.12
C ILE D 119 25.75 -23.91 8.33
N LEU D 120 25.43 -25.02 7.68
CA LEU D 120 26.43 -25.70 6.85
C LEU D 120 26.68 -24.91 5.55
N ASP D 121 25.62 -24.37 4.96
CA ASP D 121 25.77 -23.50 3.79
C ASP D 121 26.60 -22.27 4.15
N TYR D 122 26.23 -21.66 5.27
CA TYR D 122 26.99 -20.58 5.91
C TYR D 122 28.48 -20.90 5.94
N HIS D 123 28.81 -22.13 6.34
CA HIS D 123 30.20 -22.57 6.40
C HIS D 123 30.82 -22.76 5.01
N ASP D 124 30.14 -23.52 4.16
CA ASP D 124 30.68 -23.86 2.85
C ASP D 124 30.87 -22.65 1.94
N LEU D 125 30.11 -21.58 2.18
CA LEU D 125 30.14 -20.40 1.31
C LEU D 125 31.13 -19.34 1.77
N SER D 126 31.72 -19.51 2.95
CA SER D 126 32.65 -18.52 3.47
C SER D 126 34.01 -18.63 2.79
N LEU D 127 34.83 -17.60 2.93
CA LEU D 127 36.20 -17.62 2.42
C LEU D 127 36.93 -18.86 2.91
N PRO D 128 37.87 -19.40 2.09
CA PRO D 128 38.63 -20.59 2.49
C PRO D 128 39.32 -20.44 3.84
N GLN D 129 39.87 -19.26 4.11
CA GLN D 129 40.64 -19.02 5.33
C GLN D 129 39.74 -18.84 6.56
N ASP D 130 38.42 -18.86 6.33
CA ASP D 130 37.45 -18.68 7.41
C ASP D 130 36.81 -19.98 7.87
N ARG D 131 36.74 -20.97 6.98
CA ARG D 131 35.86 -22.12 7.18
C ARG D 131 36.15 -22.92 8.45
N ASP D 132 37.41 -23.22 8.72
CA ASP D 132 37.77 -23.96 9.93
C ASP D 132 37.32 -23.19 11.17
N TYR D 133 37.57 -21.88 11.19
CA TYR D 133 37.15 -21.06 12.31
C TYR D 133 35.63 -21.00 12.45
N VAL D 134 34.94 -20.88 11.33
CA VAL D 134 33.49 -20.87 11.34
C VAL D 134 32.98 -22.18 11.94
N ARG D 135 33.59 -23.29 11.54
CA ARG D 135 33.20 -24.60 12.03
C ARG D 135 33.35 -24.72 13.55
N TRP D 136 34.57 -24.56 14.09
CA TRP D 136 34.76 -24.84 15.51
C TRP D 136 34.11 -23.77 16.40
N SER D 137 34.07 -22.53 15.93
CA SER D 137 33.46 -21.46 16.72
C SER D 137 31.95 -21.66 16.81
N ARG D 138 31.31 -21.91 15.68
CA ARG D 138 29.85 -22.10 15.67
C ARG D 138 29.46 -23.36 16.43
N GLU D 139 30.20 -24.44 16.23
CA GLU D 139 29.87 -25.71 16.87
C GLU D 139 30.04 -25.69 18.38
N GLN D 140 30.94 -24.84 18.85
CA GLN D 140 31.28 -24.78 20.26
C GLN D 140 30.36 -23.84 21.05
N TRP D 141 30.28 -22.59 20.61
CA TRP D 141 29.51 -21.57 21.33
C TRP D 141 28.03 -21.82 21.22
N PHE D 142 27.58 -22.09 19.99
CA PHE D 142 26.21 -22.47 19.73
C PHE D 142 26.22 -23.94 19.34
N LEU D 143 25.05 -24.50 19.04
CA LEU D 143 24.97 -25.86 18.53
C LEU D 143 25.48 -26.90 19.53
N GLY D 144 25.63 -26.51 20.79
CA GLY D 144 26.11 -27.43 21.81
C GLY D 144 27.51 -27.92 21.52
N GLY D 145 27.61 -29.17 21.07
CA GLY D 145 28.86 -29.76 20.67
C GLY D 145 28.79 -30.47 19.33
N GLN D 146 27.57 -30.67 18.84
CA GLN D 146 27.38 -31.43 17.61
C GLN D 146 27.76 -30.63 16.37
N ARG D 147 27.85 -31.32 15.24
CA ARG D 147 28.44 -30.75 14.04
C ARG D 147 27.43 -30.01 13.17
N LEU D 148 27.95 -29.19 12.26
CA LEU D 148 27.11 -28.37 11.39
C LEU D 148 26.20 -29.24 10.53
N GLU D 149 26.70 -30.39 10.09
CA GLU D 149 25.94 -31.29 9.24
C GLU D 149 24.67 -31.80 9.93
N ASP D 150 24.81 -32.21 11.18
CA ASP D 150 23.67 -32.76 11.94
C ASP D 150 22.65 -31.68 12.26
N VAL D 151 23.12 -30.45 12.42
CA VAL D 151 22.24 -29.33 12.73
C VAL D 151 21.40 -28.97 11.51
N GLN D 152 22.05 -28.83 10.36
CA GLN D 152 21.35 -28.47 9.12
C GLN D 152 20.52 -29.64 8.60
N ALA D 153 20.90 -30.85 8.97
CA ALA D 153 20.15 -32.04 8.57
C ALA D 153 18.68 -31.92 8.98
N GLY D 154 17.79 -32.32 8.08
CA GLY D 154 16.36 -32.31 8.36
C GLY D 154 15.72 -30.94 8.17
N ARG D 155 16.44 -30.02 7.55
CA ARG D 155 15.93 -28.67 7.34
C ARG D 155 14.70 -28.68 6.44
N GLU D 156 14.60 -29.70 5.58
CA GLU D 156 13.47 -29.81 4.67
C GLU D 156 12.15 -29.92 5.45
N ASP D 157 12.23 -30.44 6.68
CA ASP D 157 11.06 -30.58 7.54
C ASP D 157 10.85 -29.35 8.42
N ARG D 158 11.88 -28.54 8.57
CA ARG D 158 11.82 -27.37 9.44
C ARG D 158 11.55 -26.06 8.67
N LEU D 159 12.05 -25.98 7.43
CA LEU D 159 11.86 -24.76 6.65
C LEU D 159 10.38 -24.42 6.40
N PRO D 160 9.54 -25.42 6.11
CA PRO D 160 8.11 -25.15 5.90
C PRO D 160 7.38 -24.60 7.12
N LEU D 161 7.97 -24.74 8.31
CA LEU D 161 7.30 -24.34 9.54
C LEU D 161 7.48 -22.85 9.84
N VAL D 162 8.46 -22.22 9.19
CA VAL D 162 8.78 -20.82 9.50
C VAL D 162 7.81 -19.81 8.86
N PRO D 163 7.46 -20.00 7.58
CA PRO D 163 6.64 -18.96 6.92
C PRO D 163 5.35 -18.60 7.66
N PRO D 164 4.61 -19.58 8.21
CA PRO D 164 3.39 -19.20 8.93
C PRO D 164 3.67 -18.31 10.14
N THR D 165 4.82 -18.48 10.79
CA THR D 165 5.15 -17.70 11.98
C THR D 165 5.48 -16.25 11.65
N LEU D 166 5.70 -15.95 10.37
CA LEU D 166 6.04 -14.58 9.98
C LEU D 166 4.82 -13.68 9.79
N GLU D 167 3.61 -14.22 9.96
CA GLU D 167 2.40 -13.45 9.66
C GLU D 167 2.30 -12.11 10.40
N PRO D 168 2.67 -12.06 11.69
CA PRO D 168 2.59 -10.76 12.39
C PRO D 168 3.35 -9.65 11.65
N PHE D 169 4.44 -10.02 11.00
CA PHE D 169 5.22 -9.06 10.23
C PHE D 169 4.49 -8.71 8.93
N ARG D 170 3.93 -9.72 8.26
CA ARG D 170 3.15 -9.51 7.04
C ARG D 170 1.99 -8.56 7.29
N ARG D 171 1.41 -8.66 8.48
CA ARG D 171 0.24 -7.88 8.83
C ARG D 171 0.55 -6.39 8.77
N ILE D 172 1.78 -6.02 9.12
CA ILE D 172 2.17 -4.62 9.11
C ILE D 172 2.47 -4.14 7.70
N LEU D 173 3.22 -4.93 6.94
CA LEU D 173 3.64 -4.51 5.60
C LEU D 173 2.49 -4.50 4.59
N ALA D 174 1.37 -5.13 4.94
CA ALA D 174 0.21 -5.13 4.07
C ALA D 174 -0.47 -3.76 4.02
N GLU D 175 -0.12 -2.90 4.97
CA GLU D 175 -0.78 -1.62 5.13
C GLU D 175 0.15 -0.42 4.97
N THR D 176 1.40 -0.67 4.61
CA THR D 176 2.38 0.41 4.44
C THR D 176 3.40 0.05 3.36
N LYS D 177 3.92 1.07 2.68
CA LYS D 177 4.95 0.86 1.67
C LYS D 177 6.24 0.42 2.34
N TRP D 178 6.63 1.19 3.35
CA TRP D 178 7.82 0.92 4.15
C TRP D 178 7.46 1.04 5.63
N LEU D 179 8.28 0.45 6.48
CA LEU D 179 8.14 0.68 7.92
C LEU D 179 8.31 2.16 8.21
N GLY D 180 9.09 2.84 7.36
CA GLY D 180 9.32 4.25 7.49
C GLY D 180 8.21 5.12 6.91
N GLY D 181 7.23 4.48 6.27
CA GLY D 181 6.11 5.20 5.67
C GLY D 181 6.19 5.20 4.16
N ASP D 182 6.19 6.39 3.56
CA ASP D 182 6.29 6.53 2.11
C ASP D 182 7.74 6.38 1.65
N GLN D 183 8.66 6.47 2.60
CA GLN D 183 10.09 6.28 2.32
C GLN D 183 10.73 5.43 3.40
N PRO D 184 11.78 4.68 3.05
CA PRO D 184 12.41 3.82 4.05
C PRO D 184 13.35 4.59 4.97
N ASN D 185 13.60 4.02 6.16
CA ASN D 185 14.67 4.51 7.01
C ASN D 185 15.33 3.34 7.70
N PHE D 186 16.02 3.59 8.81
CA PHE D 186 16.78 2.53 9.48
C PHE D 186 15.90 1.38 9.98
N ALA D 187 14.61 1.64 10.24
CA ALA D 187 13.71 0.57 10.65
C ALA D 187 13.62 -0.51 9.58
N ASP D 188 13.43 -0.08 8.33
CA ASP D 188 13.42 -0.99 7.19
C ASP D 188 14.76 -1.70 7.02
N TYR D 189 15.84 -0.93 7.10
CA TYR D 189 17.17 -1.48 6.83
C TYR D 189 17.54 -2.52 7.89
N SER D 190 17.18 -2.25 9.14
CA SER D 190 17.43 -3.20 10.21
C SER D 190 16.61 -4.48 10.01
N ALA D 191 15.35 -4.32 9.62
CA ALA D 191 14.49 -5.48 9.37
C ALA D 191 14.95 -6.24 8.12
N LEU D 192 15.27 -5.49 7.07
CA LEU D 192 15.73 -6.08 5.82
C LEU D 192 17.01 -6.90 6.01
N ALA D 193 17.87 -6.48 6.94
CA ALA D 193 19.17 -7.12 7.17
C ALA D 193 19.03 -8.59 7.56
N VAL D 194 17.96 -8.92 8.26
CA VAL D 194 17.64 -10.31 8.57
C VAL D 194 17.55 -11.14 7.30
N PHE D 195 16.92 -10.57 6.27
CA PHE D 195 16.63 -11.30 5.04
C PHE D 195 17.79 -11.26 4.04
N LEU D 196 18.59 -10.20 4.11
CA LEU D 196 19.79 -10.11 3.30
C LEU D 196 20.82 -11.15 3.77
N TRP D 197 20.95 -11.31 5.08
CA TRP D 197 21.83 -12.35 5.61
C TRP D 197 21.36 -13.72 5.13
N THR D 198 20.07 -13.98 5.27
CA THR D 198 19.48 -15.25 4.84
C THR D 198 19.77 -15.53 3.37
N ALA D 199 19.60 -14.51 2.54
CA ALA D 199 19.82 -14.67 1.10
C ALA D 199 21.29 -14.98 0.79
N SER D 200 22.20 -14.46 1.61
CA SER D 200 23.62 -14.66 1.36
C SER D 200 24.05 -16.12 1.58
N VAL D 201 23.34 -16.84 2.44
CA VAL D 201 23.73 -18.21 2.79
C VAL D 201 22.72 -19.30 2.41
N ALA D 202 21.50 -18.91 2.01
CA ALA D 202 20.45 -19.89 1.74
C ALA D 202 20.61 -20.56 0.39
N ARG D 203 21.10 -21.80 0.39
CA ARG D 203 21.30 -22.54 -0.86
C ARG D 203 20.03 -23.28 -1.31
N THR D 204 19.00 -23.26 -0.46
CA THR D 204 17.66 -23.62 -0.87
C THR D 204 16.72 -22.53 -0.32
N PRO D 205 15.70 -22.14 -1.11
CA PRO D 205 14.91 -20.97 -0.71
C PRO D 205 14.03 -21.19 0.52
N PRO D 206 13.95 -20.20 1.42
CA PRO D 206 13.11 -20.30 2.63
C PRO D 206 11.66 -19.87 2.44
N LEU D 207 11.34 -19.11 1.39
CA LEU D 207 9.99 -18.56 1.21
C LEU D 207 9.38 -18.99 -0.12
N THR D 208 8.05 -19.07 -0.15
CA THR D 208 7.36 -19.41 -1.40
C THR D 208 7.39 -18.23 -2.37
N GLU D 209 7.27 -18.54 -3.65
CA GLU D 209 7.28 -17.56 -4.72
C GLU D 209 6.21 -16.46 -4.53
N ASP D 210 5.09 -16.83 -3.91
CA ASP D 210 3.94 -15.95 -3.78
C ASP D 210 3.79 -15.30 -2.41
N ASP D 211 4.83 -15.38 -1.59
CA ASP D 211 4.78 -14.79 -0.25
C ASP D 211 4.53 -13.28 -0.35
N PRO D 212 3.52 -12.78 0.39
CA PRO D 212 3.22 -11.34 0.39
C PRO D 212 4.39 -10.44 0.82
N LEU D 213 5.39 -11.01 1.49
CA LEU D 213 6.55 -10.23 1.90
C LEU D 213 7.39 -9.80 0.70
N ARG D 214 7.17 -10.45 -0.44
CA ARG D 214 8.07 -10.30 -1.57
C ARG D 214 8.14 -8.87 -2.12
N ASP D 215 7.01 -8.16 -2.07
CA ASP D 215 6.98 -6.79 -2.57
C ASP D 215 8.00 -5.92 -1.84
N TRP D 216 7.91 -5.92 -0.52
CA TRP D 216 8.82 -5.17 0.33
C TRP D 216 10.25 -5.69 0.20
N LEU D 217 10.42 -7.01 0.23
CA LEU D 217 11.75 -7.61 0.14
C LEU D 217 12.44 -7.21 -1.17
N ASP D 218 11.72 -7.31 -2.28
CA ASP D 218 12.29 -7.00 -3.60
C ASP D 218 12.62 -5.52 -3.75
N ARG D 219 11.73 -4.65 -3.28
CA ARG D 219 11.99 -3.22 -3.35
C ARG D 219 13.19 -2.89 -2.49
N GLY D 220 13.25 -3.49 -1.31
CA GLY D 220 14.34 -3.25 -0.38
C GLY D 220 15.68 -3.67 -0.94
N PHE D 221 15.75 -4.90 -1.46
CA PHE D 221 16.97 -5.43 -2.08
C PHE D 221 17.40 -4.58 -3.26
N ASP D 222 16.43 -3.92 -3.91
CA ASP D 222 16.70 -3.12 -5.11
C ASP D 222 17.21 -1.72 -4.77
N LEU D 223 17.02 -1.27 -3.54
CA LEU D 223 17.43 0.09 -3.15
C LEU D 223 18.90 0.38 -3.42
N PHE D 224 19.18 1.64 -3.74
CA PHE D 224 20.54 2.15 -3.89
C PHE D 224 21.35 1.33 -4.90
N ASP D 225 20.79 1.15 -6.09
CA ASP D 225 21.45 0.48 -7.21
C ASP D 225 21.70 -1.00 -6.91
N GLY D 226 20.67 -1.68 -6.42
CA GLY D 226 20.73 -3.12 -6.22
C GLY D 226 21.70 -3.53 -5.13
N LEU D 227 21.66 -2.83 -4.02
CA LEU D 227 22.56 -3.10 -2.90
C LEU D 227 22.42 -4.55 -2.42
N GLY D 228 21.21 -5.08 -2.50
CA GLY D 228 20.95 -6.47 -2.13
C GLY D 228 21.02 -7.43 -3.30
N ARG D 229 21.53 -6.96 -4.44
CA ARG D 229 21.58 -7.78 -5.66
C ARG D 229 23.02 -8.16 -6.04
N HIS D 230 23.88 -8.30 -5.04
CA HIS D 230 25.27 -8.70 -5.30
C HIS D 230 25.28 -10.07 -5.99
N PRO D 231 26.20 -10.28 -6.96
CA PRO D 231 26.23 -11.51 -7.76
C PRO D 231 26.13 -12.84 -6.99
N GLY D 232 26.67 -12.93 -5.78
CA GLY D 232 26.70 -14.20 -5.07
C GLY D 232 25.43 -14.53 -4.31
N MSE D 233 24.45 -13.63 -4.37
CA MSE D 233 23.24 -13.76 -3.55
C MSE D 233 22.31 -14.86 -4.03
O MSE D 233 22.10 -15.06 -5.22
CB MSE D 233 22.50 -12.42 -3.53
CG MSE D 233 21.88 -12.11 -2.20
SE MSE D 233 23.15 -11.48 -0.87
CE MSE D 233 21.85 -10.29 -0.02
H MSE D 233 24.45 -12.94 -4.88
HA MSE D 233 23.52 -13.95 -2.63
HB2 MSE D 233 23.12 -11.72 -3.75
HB3 MSE D 233 21.80 -12.46 -4.19
HG2 MSE D 233 21.21 -11.41 -2.33
HG3 MSE D 233 21.45 -12.91 -1.85
HE1 MSE D 233 22.27 -9.84 0.72
HE2 MSE D 233 21.53 -9.64 -0.66
HE3 MSE D 233 21.10 -10.83 0.31
N ASN D 234 21.74 -15.60 -3.07
CA ASN D 234 20.80 -16.67 -3.39
C ASN D 234 19.36 -16.15 -3.36
N PRO D 235 18.45 -16.84 -4.05
CA PRO D 235 17.05 -16.42 -4.03
C PRO D 235 16.34 -16.77 -2.73
N LEU D 236 15.51 -15.85 -2.23
CA LEU D 236 14.70 -16.10 -1.05
C LEU D 236 13.47 -16.93 -1.40
N PHE D 237 13.12 -16.96 -2.69
CA PHE D 237 11.84 -17.48 -3.13
C PHE D 237 12.01 -18.76 -3.97
N GLY D 238 11.05 -19.66 -3.84
CA GLY D 238 11.08 -20.93 -4.54
C GLY D 238 10.82 -22.14 -3.67
N LEU D 239 10.51 -21.92 -2.38
CA LEU D 239 10.19 -23.01 -1.47
C LEU D 239 9.05 -23.87 -2.02
N LYS D 240 9.33 -25.16 -2.21
CA LYS D 240 8.33 -26.11 -2.69
C LYS D 240 7.66 -26.83 -1.52
N LEU D 241 6.37 -26.58 -1.32
CA LEU D 241 5.66 -27.17 -0.20
C LEU D 241 5.15 -28.57 -0.52
N ARG D 242 5.02 -29.39 0.53
CA ARG D 242 4.55 -30.76 0.40
C ARG D 242 3.13 -30.88 0.96
N GLU D 243 2.49 -32.01 0.69
CA GLU D 243 1.08 -32.21 1.04
C GLU D 243 0.78 -31.89 2.51
N GLY D 244 1.67 -32.31 3.40
CA GLY D 244 1.43 -32.18 4.83
C GLY D 244 1.81 -30.84 5.43
N ASP D 245 2.52 -30.02 4.66
CA ASP D 245 3.07 -28.76 5.18
C ASP D 245 1.98 -27.74 5.50
N PRO D 246 2.27 -26.80 6.41
CA PRO D 246 1.29 -25.78 6.77
C PRO D 246 1.13 -24.70 5.71
N GLU D 247 -0.02 -24.04 5.68
CA GLU D 247 -0.20 -22.91 4.79
C GLU D 247 0.76 -21.79 5.20
N PRO D 248 1.57 -21.28 4.24
CA PRO D 248 2.67 -20.38 4.59
C PRO D 248 2.25 -18.97 5.01
N PHE D 249 1.06 -18.53 4.60
CA PHE D 249 0.57 -17.21 4.97
C PHE D 249 -0.95 -17.11 4.80
N VAL D 250 -1.54 -16.06 5.35
CA VAL D 250 -2.97 -15.80 5.21
C VAL D 250 -3.28 -15.21 3.84
N ARG D 251 -4.32 -15.75 3.19
CA ARG D 251 -4.66 -15.33 1.82
C ARG D 251 -5.98 -14.55 1.77
N GLN D 252 -6.29 -14.04 0.58
CA GLN D 252 -7.43 -13.15 0.37
C GLN D 252 -8.76 -13.89 0.20
N THR D 253 -8.84 -15.11 0.69
CA THR D 253 -9.94 -16.01 0.33
C THR D 253 -11.30 -15.64 0.93
N GLY D 254 -11.30 -14.73 1.90
CA GLY D 254 -12.55 -14.29 2.52
C GLY D 254 -13.25 -13.24 1.68
#